data_5WT1
#
_entry.id   5WT1
#
_cell.length_a   102.096
_cell.length_b   57.017
_cell.length_c   115.807
_cell.angle_alpha   90.00
_cell.angle_beta   101.53
_cell.angle_gamma   90.00
#
_symmetry.space_group_name_H-M   'P 1 2 1'
#
loop_
_entity.id
_entity.type
_entity.pdbx_description
1 polymer 'tRNA (guanine(37)-N1)-methyltransferase Trm5a'
2 polymer 'RNA (76-MER)'
3 non-polymer S-ADENOSYL-L-HOMOCYSTEINE
4 water water
#
loop_
_entity_poly.entity_id
_entity_poly.type
_entity_poly.pdbx_seq_one_letter_code
_entity_poly.pdbx_strand_id
1 'polypeptide(L)'
;MSGVKVRREDAKKVLELLKSVGILDGKRKAIRDEKYVIFPVTDTNIAKSLGLEVVDVELPMRPERQIYKNLEDLLPREIF
KKLGRLDIVGDIAIVSIPDEILSEREVIVSAIRKLYPKVKVIARRGFHSGLYRIRELEVIWGENRLHTIHKENGVLIKVD
LSKVFFNPRMKGERYRIAQLVNDGERILVPFAGVIPYPLVIARFKNVEVYAVEINEFAVKLAEENLELNRDRLKGKIKII
HGDVFEVLPNLPNFDRVVSPTPKGVDALSLTLSKAEKFLHYYDFVHESEIERFRERVLEECRRQGKECRVSVRKVSDYKP
HVYKVCADVEILS
;
A,B
2 'polyribonucleotide' GGGGCGGUAGCUCAGCCUGGGAGAGCACCGGACUGAAGAUCCGGGUGUCGGGGGUUCAAAUCCCCCCCGCCCCACC C,F
#
# COMPACT_ATOMS: atom_id res chain seq x y z
N MET A 1 -25.54 32.25 -11.49
CA MET A 1 -25.81 33.42 -12.31
C MET A 1 -26.23 34.61 -11.46
N SER A 2 -25.26 35.35 -10.93
CA SER A 2 -25.51 36.53 -10.11
C SER A 2 -24.23 37.34 -10.04
N GLY A 3 -24.34 38.57 -9.51
CA GLY A 3 -23.30 39.57 -9.70
C GLY A 3 -23.02 40.38 -8.46
N VAL A 4 -21.96 41.20 -8.57
CA VAL A 4 -21.45 42.06 -7.51
C VAL A 4 -21.46 43.49 -8.00
N LYS A 5 -21.91 44.42 -7.15
CA LYS A 5 -21.90 45.85 -7.46
C LYS A 5 -20.80 46.52 -6.64
N VAL A 6 -19.88 47.21 -7.32
CA VAL A 6 -18.79 47.92 -6.67
C VAL A 6 -18.56 49.25 -7.34
N ARG A 7 -18.18 50.25 -6.55
CA ARG A 7 -17.78 51.54 -7.09
C ARG A 7 -16.55 51.38 -7.98
N ARG A 8 -16.53 52.14 -9.09
CA ARG A 8 -15.46 52.00 -10.08
C ARG A 8 -14.09 52.18 -9.45
N GLU A 9 -13.97 53.11 -8.49
CA GLU A 9 -12.70 53.32 -7.82
C GLU A 9 -12.25 52.09 -7.05
N ASP A 10 -13.18 51.26 -6.59
CA ASP A 10 -12.86 50.05 -5.84
C ASP A 10 -12.91 48.79 -6.67
N ALA A 11 -13.22 48.91 -7.98
CA ALA A 11 -13.44 47.75 -8.84
C ALA A 11 -12.25 46.80 -8.85
N LYS A 12 -11.03 47.34 -8.95
CA LYS A 12 -9.87 46.45 -9.00
C LYS A 12 -9.67 45.71 -7.68
N LYS A 13 -9.79 46.44 -6.56
CA LYS A 13 -9.64 45.82 -5.25
C LYS A 13 -10.67 44.72 -5.02
N VAL A 14 -11.95 45.01 -5.26
CA VAL A 14 -12.95 43.96 -5.17
C VAL A 14 -12.59 42.80 -6.10
N LEU A 15 -12.13 43.10 -7.32
CA LEU A 15 -11.80 42.05 -8.29
C LEU A 15 -10.80 41.06 -7.70
N GLU A 16 -9.67 41.55 -7.20
CA GLU A 16 -8.67 40.61 -6.70
C GLU A 16 -9.03 40.06 -5.33
N LEU A 17 -9.93 40.72 -4.58
CA LEU A 17 -10.52 40.07 -3.42
C LEU A 17 -11.27 38.81 -3.84
N LEU A 18 -12.11 38.94 -4.88
CA LEU A 18 -12.87 37.80 -5.36
C LEU A 18 -11.96 36.70 -5.86
N LYS A 19 -10.91 37.07 -6.61
CA LYS A 19 -9.91 36.10 -6.99
C LYS A 19 -9.27 35.43 -5.78
N SER A 20 -8.98 36.22 -4.74
CA SER A 20 -8.33 35.70 -3.55
C SER A 20 -9.18 34.62 -2.87
N VAL A 21 -10.48 34.88 -2.73
CA VAL A 21 -11.32 33.85 -2.12
C VAL A 21 -11.76 32.81 -3.16
N GLY A 22 -11.88 33.22 -4.42
CA GLY A 22 -12.11 32.28 -5.51
C GLY A 22 -13.54 32.10 -5.97
N ILE A 23 -14.38 33.13 -5.89
CA ILE A 23 -15.78 33.03 -6.32
C ILE A 23 -16.06 33.81 -7.59
N LEU A 24 -15.05 34.41 -8.21
CA LEU A 24 -15.30 35.13 -9.45
C LEU A 24 -15.67 34.13 -10.54
N ASP A 25 -16.70 34.47 -11.32
CA ASP A 25 -17.17 33.58 -12.38
C ASP A 25 -16.40 33.90 -13.65
N GLY A 26 -15.65 32.91 -14.14
CA GLY A 26 -14.90 33.04 -15.37
C GLY A 26 -15.74 32.74 -16.59
N LYS A 27 -16.88 32.05 -16.40
CA LYS A 27 -17.71 31.70 -17.54
C LYS A 27 -18.47 32.90 -18.09
N ARG A 28 -18.84 33.84 -17.23
CA ARG A 28 -19.54 35.04 -17.66
C ARG A 28 -18.55 36.21 -17.72
N LYS A 29 -19.09 37.40 -17.97
CA LYS A 29 -18.27 38.56 -18.29
C LYS A 29 -18.87 39.77 -17.58
N ALA A 30 -18.03 40.75 -17.30
CA ALA A 30 -18.39 41.79 -16.33
C ALA A 30 -18.84 43.04 -17.07
N ILE A 31 -19.91 43.66 -16.56
CA ILE A 31 -20.48 44.86 -17.16
C ILE A 31 -20.10 46.06 -16.31
N ARG A 32 -20.02 47.21 -16.96
CA ARG A 32 -19.59 48.42 -16.28
C ARG A 32 -20.39 49.61 -16.78
N ASP A 33 -20.51 50.61 -15.91
CA ASP A 33 -21.02 51.92 -16.28
C ASP A 33 -20.12 52.96 -15.63
N GLU A 34 -20.37 54.23 -15.95
CA GLU A 34 -19.60 55.31 -15.35
C GLU A 34 -19.74 55.36 -13.83
N LYS A 35 -20.79 54.75 -13.28
CA LYS A 35 -21.04 54.81 -11.85
C LYS A 35 -20.49 53.59 -11.11
N TYR A 36 -20.72 52.38 -11.63
CA TYR A 36 -20.33 51.18 -10.91
C TYR A 36 -19.90 50.09 -11.88
N VAL A 37 -19.35 49.02 -11.31
CA VAL A 37 -18.93 47.84 -12.06
C VAL A 37 -19.54 46.61 -11.37
N ILE A 38 -19.97 45.64 -12.18
CA ILE A 38 -20.60 44.42 -11.69
C ILE A 38 -19.74 43.24 -12.09
N PHE A 39 -19.41 42.39 -11.11
CA PHE A 39 -18.63 41.19 -11.36
C PHE A 39 -19.47 39.94 -11.13
N PRO A 40 -19.58 39.04 -12.10
CA PRO A 40 -20.31 37.79 -11.87
C PRO A 40 -19.60 36.89 -10.89
N VAL A 41 -20.38 36.23 -10.02
CA VAL A 41 -19.83 35.43 -8.94
C VAL A 41 -20.43 34.02 -8.94
N THR A 42 -19.69 33.09 -8.34
CA THR A 42 -20.16 31.71 -8.25
C THR A 42 -21.13 31.50 -7.09
N ASP A 43 -20.86 32.09 -5.93
CA ASP A 43 -21.67 31.89 -4.74
C ASP A 43 -21.92 33.23 -4.06
N THR A 44 -23.20 33.58 -3.92
CA THR A 44 -23.55 34.85 -3.28
C THR A 44 -23.39 34.80 -1.77
N ASN A 45 -23.56 33.63 -1.15
CA ASN A 45 -23.48 33.53 0.31
C ASN A 45 -22.14 34.00 0.83
N ILE A 46 -21.03 33.58 0.21
CA ILE A 46 -19.75 34.05 0.67
C ILE A 46 -19.50 35.48 0.19
N ALA A 47 -20.17 35.91 -0.87
CA ALA A 47 -20.06 37.31 -1.28
C ALA A 47 -20.61 38.24 -0.20
N LYS A 48 -21.80 37.93 0.32
CA LYS A 48 -22.35 38.72 1.41
C LYS A 48 -21.61 38.46 2.72
N SER A 49 -21.07 37.26 2.92
CA SER A 49 -20.29 37.01 4.13
C SER A 49 -19.03 37.87 4.14
N LEU A 50 -18.48 38.17 2.97
CA LEU A 50 -17.43 39.17 2.83
C LEU A 50 -17.98 40.60 2.89
N GLY A 51 -19.31 40.76 2.90
CA GLY A 51 -19.93 42.07 3.06
C GLY A 51 -20.15 42.87 1.79
N LEU A 52 -20.09 42.23 0.62
CA LEU A 52 -20.33 42.94 -0.63
C LEU A 52 -21.81 43.05 -0.95
N GLU A 53 -22.16 44.12 -1.68
CA GLU A 53 -23.48 44.24 -2.27
C GLU A 53 -23.63 43.17 -3.36
N VAL A 54 -24.72 42.40 -3.30
CA VAL A 54 -24.93 41.31 -4.25
C VAL A 54 -26.20 41.60 -5.05
N VAL A 55 -26.08 41.55 -6.38
CA VAL A 55 -27.15 41.90 -7.31
C VAL A 55 -27.38 40.76 -8.30
N ASP A 56 -28.62 40.65 -8.77
CA ASP A 56 -29.04 39.63 -9.72
C ASP A 56 -29.35 40.30 -11.06
N VAL A 57 -28.47 40.11 -12.05
CA VAL A 57 -28.65 40.68 -13.38
C VAL A 57 -28.08 39.70 -14.40
N GLU A 58 -28.47 39.87 -15.66
CA GLU A 58 -27.98 39.02 -16.73
C GLU A 58 -26.67 39.59 -17.26
N LEU A 59 -25.59 38.87 -17.04
CA LEU A 59 -24.28 39.27 -17.55
C LEU A 59 -23.88 38.40 -18.74
N PRO A 60 -23.27 39.00 -19.76
CA PRO A 60 -23.01 38.26 -21.01
C PRO A 60 -22.16 37.03 -20.81
N MET A 61 -22.58 35.94 -21.43
CA MET A 61 -21.73 34.76 -21.53
C MET A 61 -20.52 35.07 -22.42
N ARG A 62 -19.39 34.50 -22.08
CA ARG A 62 -18.18 34.81 -22.83
C ARG A 62 -18.05 33.91 -24.04
N PRO A 63 -17.28 34.32 -25.04
CA PRO A 63 -17.04 33.44 -26.19
C PRO A 63 -16.32 32.18 -25.74
N GLU A 64 -16.68 31.06 -26.38
CA GLU A 64 -16.18 29.77 -25.91
C GLU A 64 -14.66 29.70 -26.05
N ARG A 65 -14.10 30.35 -27.07
CA ARG A 65 -12.65 30.37 -27.24
C ARG A 65 -11.93 30.97 -26.04
N GLN A 66 -12.63 31.75 -25.20
CA GLN A 66 -12.02 32.36 -24.03
C GLN A 66 -12.29 31.58 -22.74
N ILE A 67 -13.09 30.52 -22.81
CA ILE A 67 -13.34 29.67 -21.65
C ILE A 67 -12.30 28.56 -21.61
N TYR A 68 -11.69 28.37 -20.45
CA TYR A 68 -10.71 27.30 -20.27
C TYR A 68 -11.44 25.96 -20.21
N LYS A 69 -11.19 25.12 -21.21
CA LYS A 69 -11.76 23.79 -21.29
C LYS A 69 -10.64 22.77 -21.48
N ASN A 70 -10.80 21.61 -20.86
CA ASN A 70 -9.95 20.46 -21.15
C ASN A 70 -10.77 19.41 -21.90
N LEU A 71 -10.10 18.32 -22.27
CA LEU A 71 -10.77 17.28 -23.02
C LEU A 71 -11.78 16.53 -22.14
N GLU A 72 -11.54 16.48 -20.84
CA GLU A 72 -12.51 15.91 -19.92
C GLU A 72 -13.76 16.79 -19.81
N ASP A 73 -13.58 18.11 -19.87
CA ASP A 73 -14.70 19.03 -19.71
C ASP A 73 -15.79 18.78 -20.74
N LEU A 74 -15.41 18.54 -21.99
CA LEU A 74 -16.35 18.46 -23.11
C LEU A 74 -16.78 17.05 -23.44
N LEU A 75 -16.70 16.12 -22.49
CA LEU A 75 -17.00 14.73 -22.76
C LEU A 75 -17.77 14.13 -21.60
N PRO A 76 -18.77 13.28 -21.88
CA PRO A 76 -19.44 12.56 -20.80
C PRO A 76 -18.44 11.75 -19.99
N ARG A 77 -18.77 11.54 -18.71
CA ARG A 77 -17.83 10.92 -17.79
C ARG A 77 -17.40 9.54 -18.28
N GLU A 78 -18.37 8.72 -18.71
CA GLU A 78 -18.09 7.32 -19.05
C GLU A 78 -17.03 7.21 -20.14
N ILE A 79 -17.24 7.86 -21.29
CA ILE A 79 -16.34 7.65 -22.41
C ILE A 79 -15.03 8.40 -22.25
N PHE A 80 -14.98 9.46 -21.43
CA PHE A 80 -13.68 9.98 -21.05
C PHE A 80 -12.92 8.97 -20.23
N LYS A 81 -13.61 8.27 -19.31
CA LYS A 81 -12.98 7.17 -18.60
C LYS A 81 -12.45 6.14 -19.58
N LYS A 82 -13.18 5.92 -20.69
CA LYS A 82 -12.72 4.96 -21.69
C LYS A 82 -11.49 5.47 -22.45
N LEU A 83 -11.46 6.76 -22.79
CA LEU A 83 -10.33 7.36 -23.51
C LEU A 83 -9.07 7.28 -22.64
N GLY A 84 -7.87 7.35 -23.24
CA GLY A 84 -7.64 7.71 -24.62
C GLY A 84 -6.91 9.04 -24.74
N ARG A 85 -5.63 9.03 -24.38
CA ARG A 85 -4.81 10.25 -24.37
C ARG A 85 -4.65 10.84 -25.77
N LEU A 86 -4.75 12.17 -25.85
CA LEU A 86 -4.66 12.89 -27.12
C LEU A 86 -3.21 13.28 -27.40
N ASP A 87 -2.74 13.02 -28.62
CA ASP A 87 -1.45 13.48 -29.12
C ASP A 87 -1.67 14.15 -30.46
N ILE A 88 -1.12 15.35 -30.64
CA ILE A 88 -1.26 16.09 -31.90
C ILE A 88 0.07 16.14 -32.62
N VAL A 89 0.07 15.76 -33.90
CA VAL A 89 1.25 15.78 -34.75
C VAL A 89 0.86 16.60 -35.99
N GLY A 90 1.29 17.86 -36.02
CA GLY A 90 0.96 18.76 -37.12
C GLY A 90 -0.53 18.94 -37.30
N ASP A 91 -1.03 18.51 -38.47
CA ASP A 91 -2.44 18.56 -38.83
C ASP A 91 -3.23 17.35 -38.36
N ILE A 92 -2.55 16.32 -37.87
CA ILE A 92 -3.21 15.07 -37.50
C ILE A 92 -3.40 15.04 -35.99
N ALA A 93 -4.60 14.68 -35.56
CA ALA A 93 -4.88 14.45 -34.15
C ALA A 93 -5.01 12.94 -33.95
N ILE A 94 -4.17 12.38 -33.11
CA ILE A 94 -4.12 10.94 -32.86
C ILE A 94 -4.61 10.69 -31.44
N VAL A 95 -5.56 9.77 -31.31
CA VAL A 95 -6.11 9.40 -30.02
C VAL A 95 -6.38 7.91 -30.07
N SER A 96 -6.40 7.30 -28.90
CA SER A 96 -6.79 5.90 -28.79
C SER A 96 -8.27 5.94 -28.42
N ILE A 97 -9.10 5.51 -29.35
CA ILE A 97 -10.56 5.45 -29.12
C ILE A 97 -10.87 3.98 -28.88
N PRO A 98 -11.25 3.60 -27.65
CA PRO A 98 -11.47 2.18 -27.36
C PRO A 98 -12.59 1.61 -28.20
N ASP A 99 -12.60 0.28 -28.26
CA ASP A 99 -13.49 -0.41 -29.19
C ASP A 99 -14.94 -0.41 -28.71
N GLU A 100 -15.15 -0.29 -27.40
CA GLU A 100 -16.50 -0.32 -26.87
C GLU A 100 -17.30 0.93 -27.24
N ILE A 101 -16.62 2.07 -27.38
CA ILE A 101 -17.26 3.38 -27.46
C ILE A 101 -17.25 4.11 -28.81
N LEU A 102 -17.16 3.42 -29.95
CA LEU A 102 -16.92 4.16 -31.19
C LEU A 102 -18.11 4.98 -31.66
N SER A 103 -19.35 4.66 -31.25
CA SER A 103 -20.43 5.57 -31.60
C SER A 103 -20.13 6.98 -31.09
N GLU A 104 -19.60 7.08 -29.88
CA GLU A 104 -19.33 8.40 -29.35
C GLU A 104 -18.03 8.94 -29.89
N ARG A 105 -17.34 8.11 -30.68
CA ARG A 105 -16.28 8.59 -31.56
C ARG A 105 -16.75 9.86 -32.23
N GLU A 106 -17.97 9.84 -32.80
CA GLU A 106 -18.38 11.04 -33.53
C GLU A 106 -18.53 12.21 -32.57
N VAL A 107 -19.11 11.96 -31.40
CA VAL A 107 -19.12 12.98 -30.35
C VAL A 107 -17.69 13.32 -29.96
N ILE A 108 -16.84 12.29 -29.82
CA ILE A 108 -15.42 12.51 -29.53
C ILE A 108 -14.85 13.48 -30.55
N VAL A 109 -15.15 13.24 -31.83
CA VAL A 109 -14.60 14.07 -32.89
C VAL A 109 -14.86 15.54 -32.58
N SER A 110 -16.13 15.86 -32.27
CA SER A 110 -16.50 17.25 -32.02
C SER A 110 -15.61 17.84 -30.94
N ALA A 111 -15.46 17.12 -29.83
CA ALA A 111 -14.68 17.63 -28.71
C ALA A 111 -13.28 18.05 -29.16
N ILE A 112 -12.61 17.17 -29.91
CA ILE A 112 -11.24 17.49 -30.32
C ILE A 112 -11.22 18.74 -31.18
N ARG A 113 -12.17 18.86 -32.10
CA ARG A 113 -12.20 20.05 -32.94
C ARG A 113 -12.65 21.26 -32.15
N LYS A 114 -13.43 21.05 -31.09
CA LYS A 114 -13.73 22.15 -30.19
C LYS A 114 -12.51 22.54 -29.39
N LEU A 115 -11.60 21.57 -29.17
CA LEU A 115 -10.41 21.81 -28.39
C LEU A 115 -9.27 22.33 -29.26
N TYR A 116 -9.08 21.72 -30.43
CA TYR A 116 -8.07 22.15 -31.39
C TYR A 116 -8.75 22.39 -32.73
N PRO A 117 -9.03 23.64 -33.09
CA PRO A 117 -9.72 23.91 -34.37
C PRO A 117 -8.84 23.79 -35.60
N LYS A 118 -7.53 23.98 -35.48
CA LYS A 118 -6.62 24.00 -36.62
C LYS A 118 -6.25 22.63 -37.14
N VAL A 119 -6.86 21.56 -36.65
CA VAL A 119 -6.45 20.20 -36.96
C VAL A 119 -7.44 19.62 -37.97
N LYS A 120 -6.90 19.02 -39.04
CA LYS A 120 -7.68 18.61 -40.20
C LYS A 120 -7.92 17.12 -40.30
N VAL A 121 -7.29 16.31 -39.45
CA VAL A 121 -7.38 14.86 -39.53
C VAL A 121 -7.39 14.29 -38.11
N ILE A 122 -8.37 13.45 -37.82
CA ILE A 122 -8.46 12.73 -36.56
C ILE A 122 -8.40 11.25 -36.87
N ALA A 123 -7.46 10.54 -36.22
CA ALA A 123 -7.14 9.16 -36.53
C ALA A 123 -7.21 8.34 -35.26
N ARG A 124 -7.70 7.12 -35.38
CA ARG A 124 -7.74 6.19 -34.25
C ARG A 124 -6.42 5.43 -34.18
N ARG A 125 -6.00 5.10 -32.96
CA ARG A 125 -4.64 4.68 -32.68
C ARG A 125 -4.58 3.19 -32.35
N GLY A 126 -3.59 2.51 -32.91
CA GLY A 126 -3.34 1.12 -32.62
C GLY A 126 -1.98 0.94 -31.98
N PHE A 127 -1.26 -0.10 -32.37
CA PHE A 127 0.05 -0.38 -31.83
C PHE A 127 1.10 -0.30 -32.92
N HIS A 128 2.36 -0.28 -32.50
CA HIS A 128 3.47 -0.35 -33.43
C HIS A 128 3.76 -1.82 -33.68
N SER A 129 3.94 -2.15 -34.96
CA SER A 129 4.13 -3.54 -35.38
C SER A 129 5.08 -3.54 -36.56
N GLY A 130 5.58 -4.72 -36.90
CA GLY A 130 6.45 -4.81 -38.05
C GLY A 130 7.86 -4.32 -37.72
N LEU A 131 8.65 -4.13 -38.78
CA LEU A 131 10.06 -3.82 -38.68
C LEU A 131 10.44 -2.40 -39.06
N TYR A 132 9.50 -1.60 -39.56
CA TYR A 132 9.66 -0.15 -39.64
C TYR A 132 9.01 0.53 -38.45
N ARG A 133 8.49 -0.26 -37.52
CA ARG A 133 7.82 0.22 -36.31
C ARG A 133 6.69 1.19 -36.65
N ILE A 134 6.12 1.03 -37.85
CA ILE A 134 4.96 1.81 -38.24
C ILE A 134 3.81 1.46 -37.31
N ARG A 135 3.08 2.48 -36.87
CA ARG A 135 1.95 2.29 -35.97
C ARG A 135 0.65 2.15 -36.76
N GLU A 136 -0.23 1.29 -36.26
CA GLU A 136 -1.54 1.11 -36.89
C GLU A 136 -2.39 2.35 -36.65
N LEU A 137 -2.78 3.01 -37.74
CA LEU A 137 -3.57 4.23 -37.66
C LEU A 137 -4.67 4.19 -38.69
N GLU A 138 -5.90 4.47 -38.26
CA GLU A 138 -7.03 4.64 -39.16
C GLU A 138 -7.70 5.97 -38.89
N VAL A 139 -8.16 6.62 -39.94
CA VAL A 139 -8.70 7.98 -39.86
C VAL A 139 -10.20 7.87 -39.62
N ILE A 140 -10.67 8.45 -38.50
CA ILE A 140 -12.10 8.48 -38.21
C ILE A 140 -12.72 9.82 -38.57
N TRP A 141 -11.91 10.84 -38.90
CA TRP A 141 -12.49 12.10 -39.30
C TRP A 141 -11.52 12.89 -40.16
N GLY A 142 -12.05 13.53 -41.19
CA GLY A 142 -11.34 14.54 -41.94
C GLY A 142 -10.67 14.03 -43.19
N GLU A 143 -9.71 14.83 -43.66
CA GLU A 143 -8.96 14.54 -44.87
C GLU A 143 -8.27 13.18 -44.76
N ASN A 144 -8.51 12.32 -45.76
CA ASN A 144 -8.03 10.94 -45.73
C ASN A 144 -6.56 10.91 -46.11
N ARG A 145 -5.72 11.30 -45.16
CA ARG A 145 -4.27 11.33 -45.34
C ARG A 145 -3.61 11.20 -43.97
N LEU A 146 -2.37 10.70 -43.96
CA LEU A 146 -1.65 10.49 -42.71
C LEU A 146 -0.28 11.18 -42.70
N HIS A 147 -0.06 12.15 -43.59
CA HIS A 147 1.17 12.90 -43.66
C HIS A 147 0.95 14.38 -43.33
N THR A 148 1.92 14.98 -42.64
CA THR A 148 1.86 16.39 -42.31
C THR A 148 3.25 16.83 -41.89
N ILE A 149 3.43 18.14 -41.71
CA ILE A 149 4.65 18.75 -41.22
C ILE A 149 4.43 19.17 -39.77
N HIS A 150 5.33 18.77 -38.90
CA HIS A 150 5.19 18.92 -37.44
C HIS A 150 6.36 19.76 -36.93
N LYS A 151 6.06 20.68 -36.02
CA LYS A 151 7.11 21.53 -35.44
C LYS A 151 7.48 20.99 -34.06
N GLU A 152 8.78 20.95 -33.79
CA GLU A 152 9.27 20.48 -32.50
C GLU A 152 10.64 21.05 -32.23
N ASN A 153 10.78 21.73 -31.08
CA ASN A 153 12.06 22.29 -30.64
C ASN A 153 12.69 23.16 -31.73
N GLY A 154 11.85 23.86 -32.48
CA GLY A 154 12.32 24.77 -33.51
C GLY A 154 12.64 24.13 -34.84
N VAL A 155 12.40 22.83 -35.03
CA VAL A 155 12.65 22.19 -36.31
C VAL A 155 11.34 21.75 -36.92
N LEU A 156 11.36 21.59 -38.24
CA LEU A 156 10.22 21.10 -39.01
C LEU A 156 10.49 19.65 -39.39
N ILE A 157 9.47 18.81 -39.22
CA ILE A 157 9.60 17.36 -39.42
C ILE A 157 8.44 16.91 -40.28
N LYS A 158 8.74 16.55 -41.53
CA LYS A 158 7.78 15.90 -42.41
C LYS A 158 7.61 14.45 -42.01
N VAL A 159 6.36 14.03 -41.79
CA VAL A 159 6.08 12.65 -41.39
C VAL A 159 4.82 12.17 -42.10
N ASP A 160 4.91 10.97 -42.67
CA ASP A 160 3.73 10.23 -43.12
C ASP A 160 3.61 9.05 -42.18
N LEU A 161 2.70 9.15 -41.21
CA LEU A 161 2.61 8.19 -40.11
C LEU A 161 2.17 6.81 -40.56
N SER A 162 1.73 6.66 -41.80
CA SER A 162 1.37 5.34 -42.32
C SER A 162 2.57 4.59 -42.88
N LYS A 163 3.71 5.26 -43.04
CA LYS A 163 4.88 4.65 -43.64
C LYS A 163 6.16 4.83 -42.85
N VAL A 164 6.13 5.51 -41.70
CA VAL A 164 7.31 5.74 -40.88
C VAL A 164 6.92 5.77 -39.41
N PHE A 165 7.92 5.58 -38.55
CA PHE A 165 7.78 5.75 -37.11
C PHE A 165 8.11 7.19 -36.74
N PHE A 166 7.24 7.79 -35.92
CA PHE A 166 7.55 9.06 -35.27
C PHE A 166 6.69 9.20 -34.03
N ASN A 167 7.31 9.59 -32.92
CA ASN A 167 6.60 9.80 -31.66
C ASN A 167 6.84 11.22 -31.17
N PRO A 168 5.80 12.05 -31.04
CA PRO A 168 6.01 13.44 -30.58
C PRO A 168 6.62 13.54 -29.19
N ARG A 169 6.31 12.60 -28.29
CA ARG A 169 6.71 12.75 -26.90
C ARG A 169 8.22 12.70 -26.72
N MET A 170 8.91 11.98 -27.61
CA MET A 170 10.35 11.85 -27.50
C MET A 170 11.03 13.19 -27.68
N LYS A 171 10.25 14.23 -28.01
CA LYS A 171 10.80 15.58 -28.02
C LYS A 171 11.57 15.85 -26.74
N GLY A 172 11.01 15.45 -25.60
CA GLY A 172 11.71 15.69 -24.35
C GLY A 172 13.10 15.09 -24.38
N GLU A 173 13.17 13.79 -24.70
CA GLU A 173 14.47 13.12 -24.72
C GLU A 173 15.40 13.79 -25.71
N ARG A 174 14.86 14.18 -26.87
CA ARG A 174 15.72 14.76 -27.89
C ARG A 174 16.37 16.02 -27.39
N TYR A 175 15.59 16.92 -26.77
CA TYR A 175 16.19 18.15 -26.30
C TYR A 175 17.28 17.83 -25.31
N ARG A 176 17.03 16.84 -24.47
CA ARG A 176 18.00 16.57 -23.44
C ARG A 176 19.28 16.02 -24.06
N ILE A 177 19.15 15.13 -25.05
CA ILE A 177 20.35 14.63 -25.72
C ILE A 177 21.04 15.79 -26.40
N ALA A 178 20.25 16.69 -27.00
CA ALA A 178 20.83 17.85 -27.67
C ALA A 178 21.66 18.68 -26.71
N GLN A 179 21.27 18.72 -25.43
CA GLN A 179 22.03 19.48 -24.46
C GLN A 179 23.31 18.76 -24.02
N LEU A 180 23.34 17.41 -24.00
CA LEU A 180 24.58 16.75 -23.61
C LEU A 180 25.66 16.91 -24.68
N VAL A 181 25.26 17.04 -25.94
CA VAL A 181 26.22 17.22 -27.02
C VAL A 181 27.01 18.50 -26.80
N ASN A 182 28.28 18.48 -27.21
CA ASN A 182 29.13 19.66 -27.25
C ASN A 182 29.41 20.01 -28.71
N ASP A 183 29.68 21.28 -28.98
CA ASP A 183 29.97 21.69 -30.36
C ASP A 183 31.23 21.03 -30.90
N GLY A 184 31.17 20.64 -32.17
CA GLY A 184 32.29 20.10 -32.91
C GLY A 184 32.40 18.59 -32.94
N GLU A 185 31.68 17.87 -32.08
CA GLU A 185 31.74 16.41 -32.11
C GLU A 185 31.09 15.85 -33.37
N ARG A 186 31.53 14.65 -33.74
CA ARG A 186 30.89 13.84 -34.78
C ARG A 186 29.99 12.80 -34.14
N ILE A 187 28.74 12.74 -34.59
CA ILE A 187 27.71 11.93 -33.95
C ILE A 187 27.10 10.97 -34.96
N LEU A 188 26.85 9.74 -34.52
CA LEU A 188 26.18 8.72 -35.32
C LEU A 188 24.84 8.38 -34.68
N VAL A 189 23.78 8.41 -35.48
CA VAL A 189 22.44 8.02 -35.03
C VAL A 189 21.94 6.91 -35.93
N PRO A 190 22.13 5.64 -35.54
CA PRO A 190 21.45 4.55 -36.23
C PRO A 190 19.95 4.58 -35.94
N PHE A 191 19.18 3.96 -36.83
CA PHE A 191 17.73 3.87 -36.68
C PHE A 191 17.11 5.27 -36.63
N ALA A 192 17.53 6.12 -37.57
CA ALA A 192 17.28 7.56 -37.46
C ALA A 192 15.90 7.99 -37.94
N GLY A 193 15.18 7.13 -38.66
CA GLY A 193 13.83 7.49 -39.08
C GLY A 193 13.82 8.69 -40.01
N VAL A 194 12.96 9.66 -39.70
CA VAL A 194 12.87 10.89 -40.47
C VAL A 194 13.81 11.91 -39.84
N ILE A 195 14.87 11.39 -39.22
CA ILE A 195 15.96 12.11 -38.52
C ILE A 195 15.50 13.16 -37.51
N PRO A 196 14.48 12.94 -36.66
CA PRO A 196 14.20 13.95 -35.63
C PRO A 196 15.37 14.17 -34.68
N TYR A 197 16.03 13.10 -34.26
CA TYR A 197 17.19 13.25 -33.38
C TYR A 197 18.32 14.03 -34.05
N PRO A 198 18.80 13.64 -35.23
CA PRO A 198 19.73 14.52 -35.97
C PRO A 198 19.28 15.96 -36.07
N LEU A 199 18.04 16.20 -36.52
CA LEU A 199 17.59 17.56 -36.76
C LEU A 199 17.61 18.40 -35.47
N VAL A 200 17.22 17.80 -34.34
CA VAL A 200 17.22 18.57 -33.10
C VAL A 200 18.65 18.82 -32.61
N ILE A 201 19.49 17.78 -32.64
CA ILE A 201 20.88 17.94 -32.22
C ILE A 201 21.56 19.02 -33.05
N ALA A 202 21.47 18.93 -34.37
CA ALA A 202 22.07 19.94 -35.23
C ALA A 202 21.33 21.27 -35.12
N ARG A 203 20.08 21.25 -34.66
CA ARG A 203 19.33 22.48 -34.48
C ARG A 203 19.93 23.32 -33.37
N PHE A 204 20.36 22.68 -32.30
CA PHE A 204 20.87 23.47 -31.19
C PHE A 204 22.38 23.56 -31.12
N LYS A 205 23.12 22.75 -31.88
CA LYS A 205 24.58 22.78 -31.78
C LYS A 205 25.24 22.50 -33.12
N ASN A 206 26.45 23.02 -33.27
CA ASN A 206 27.25 22.88 -34.49
C ASN A 206 28.00 21.57 -34.41
N VAL A 207 27.47 20.54 -35.05
CA VAL A 207 28.07 19.22 -35.07
C VAL A 207 27.85 18.61 -36.45
N GLU A 208 28.54 17.51 -36.71
CA GLU A 208 28.26 16.67 -37.85
C GLU A 208 27.62 15.39 -37.37
N VAL A 209 26.47 15.04 -37.92
CA VAL A 209 25.71 13.87 -37.49
C VAL A 209 25.46 12.97 -38.68
N TYR A 210 25.78 11.69 -38.52
CA TYR A 210 25.51 10.67 -39.52
C TYR A 210 24.26 9.92 -39.11
N ALA A 211 23.32 9.78 -40.06
CA ALA A 211 22.05 9.14 -39.78
C ALA A 211 21.89 7.93 -40.71
N VAL A 212 21.61 6.78 -40.10
CA VAL A 212 21.43 5.52 -40.83
C VAL A 212 20.00 5.05 -40.60
N GLU A 213 19.29 4.77 -41.70
CA GLU A 213 17.91 4.33 -41.62
C GLU A 213 17.59 3.44 -42.82
N ILE A 214 16.75 2.43 -42.59
CA ILE A 214 16.53 1.36 -43.57
C ILE A 214 15.27 1.58 -44.39
N ASN A 215 14.29 2.30 -43.83
CA ASN A 215 13.01 2.50 -44.51
C ASN A 215 13.20 3.56 -45.59
N GLU A 216 12.99 3.18 -46.85
CA GLU A 216 13.28 4.06 -47.98
C GLU A 216 12.38 5.31 -47.99
N PHE A 217 11.16 5.18 -47.51
CA PHE A 217 10.29 6.36 -47.44
C PHE A 217 10.67 7.24 -46.27
N ALA A 218 11.22 6.62 -45.21
CA ALA A 218 11.78 7.38 -44.10
C ALA A 218 13.00 8.18 -44.53
N VAL A 219 13.85 7.61 -45.39
CA VAL A 219 14.98 8.40 -45.88
C VAL A 219 14.51 9.46 -46.87
N LYS A 220 13.46 9.16 -47.63
CA LYS A 220 12.85 10.19 -48.47
C LYS A 220 12.44 11.42 -47.66
N LEU A 221 11.66 11.20 -46.59
CA LEU A 221 11.18 12.35 -45.84
C LEU A 221 12.20 12.88 -44.85
N ALA A 222 13.27 12.14 -44.61
CA ALA A 222 14.43 12.74 -43.94
C ALA A 222 15.13 13.73 -44.85
N GLU A 223 15.35 13.34 -46.11
CA GLU A 223 15.80 14.30 -47.12
C GLU A 223 14.94 15.55 -47.11
N GLU A 224 13.63 15.38 -47.30
CA GLU A 224 12.74 16.55 -47.34
C GLU A 224 12.81 17.35 -46.04
N ASN A 225 13.00 16.69 -44.91
CA ASN A 225 13.14 17.40 -43.65
C ASN A 225 14.40 18.25 -43.63
N LEU A 226 15.51 17.72 -44.14
CA LEU A 226 16.75 18.47 -44.13
C LEU A 226 16.66 19.66 -45.06
N GLU A 227 16.09 19.46 -46.26
CA GLU A 227 15.80 20.59 -47.13
C GLU A 227 14.96 21.65 -46.40
N LEU A 228 13.94 21.18 -45.67
CA LEU A 228 13.03 22.08 -44.98
C LEU A 228 13.75 22.91 -43.91
N ASN A 229 14.82 22.37 -43.32
CA ASN A 229 15.51 23.00 -42.19
C ASN A 229 16.89 23.56 -42.53
N ARG A 230 17.25 23.61 -43.81
CA ARG A 230 18.63 23.93 -44.18
C ARG A 230 19.08 25.27 -43.61
N ASP A 231 18.21 26.29 -43.65
CA ASP A 231 18.50 27.59 -43.07
C ASP A 231 18.25 27.65 -41.56
N ARG A 232 17.85 26.54 -40.93
CA ARG A 232 17.60 26.52 -39.49
C ARG A 232 18.68 25.89 -38.62
N LEU A 233 19.45 24.93 -39.14
CA LEU A 233 20.40 24.17 -38.34
C LEU A 233 21.77 24.82 -38.18
N LYS A 234 22.35 24.68 -36.98
CA LYS A 234 23.73 25.10 -36.75
C LYS A 234 24.72 24.04 -37.19
N GLY A 235 24.32 22.78 -37.18
CA GLY A 235 25.17 21.68 -37.58
C GLY A 235 24.83 21.16 -38.97
N LYS A 236 25.51 20.08 -39.34
CA LYS A 236 25.35 19.44 -40.64
C LYS A 236 24.89 18.00 -40.46
N ILE A 237 24.05 17.53 -41.38
CA ILE A 237 23.45 16.21 -41.30
C ILE A 237 23.67 15.48 -42.61
N LYS A 238 24.01 14.20 -42.52
CA LYS A 238 24.18 13.33 -43.67
C LYS A 238 23.33 12.08 -43.48
N ILE A 239 22.58 11.72 -44.51
CA ILE A 239 21.60 10.64 -44.43
C ILE A 239 22.14 9.44 -45.23
N ILE A 240 22.13 8.28 -44.58
CA ILE A 240 22.59 7.03 -45.20
C ILE A 240 21.42 6.06 -45.22
N HIS A 241 21.01 5.65 -46.43
CA HIS A 241 20.03 4.58 -46.57
C HIS A 241 20.74 3.24 -46.49
N GLY A 242 20.42 2.45 -45.47
CA GLY A 242 21.06 1.16 -45.33
C GLY A 242 20.61 0.46 -44.07
N ASP A 243 21.13 -0.75 -43.89
CA ASP A 243 20.89 -1.55 -42.71
C ASP A 243 22.01 -1.29 -41.73
N VAL A 244 21.65 -0.91 -40.50
CA VAL A 244 22.63 -0.53 -39.48
C VAL A 244 23.67 -1.63 -39.30
N PHE A 245 23.22 -2.89 -39.27
CA PHE A 245 24.13 -3.99 -39.00
C PHE A 245 25.10 -4.22 -40.15
N GLU A 246 24.72 -3.85 -41.36
CA GLU A 246 25.64 -3.88 -42.50
C GLU A 246 26.42 -2.58 -42.66
N VAL A 247 25.75 -1.43 -42.48
CA VAL A 247 26.38 -0.14 -42.74
C VAL A 247 27.44 0.18 -41.70
N LEU A 248 27.12 0.01 -40.42
CA LEU A 248 27.99 0.51 -39.35
C LEU A 248 29.41 -0.05 -39.36
N PRO A 249 29.67 -1.34 -39.63
CA PRO A 249 31.06 -1.81 -39.58
C PRO A 249 31.98 -1.11 -40.57
N ASN A 250 31.44 -0.44 -41.59
CA ASN A 250 32.24 0.24 -42.61
C ASN A 250 32.35 1.73 -42.39
N LEU A 251 31.77 2.27 -41.33
CA LEU A 251 31.88 3.69 -41.06
C LEU A 251 33.06 3.98 -40.15
N PRO A 252 33.53 5.23 -40.11
CA PRO A 252 34.52 5.59 -39.09
C PRO A 252 33.86 5.63 -37.72
N ASN A 253 34.63 5.93 -36.67
CA ASN A 253 34.06 6.02 -35.33
C ASN A 253 33.64 7.46 -35.03
N PHE A 254 32.90 7.61 -33.93
CA PHE A 254 32.23 8.87 -33.61
C PHE A 254 32.45 9.25 -32.15
N ASP A 255 32.45 10.56 -31.89
CA ASP A 255 32.56 11.03 -30.51
C ASP A 255 31.42 10.49 -29.67
N ARG A 256 30.20 10.59 -30.18
CA ARG A 256 28.99 10.21 -29.47
C ARG A 256 28.10 9.39 -30.38
N VAL A 257 27.52 8.32 -29.84
CA VAL A 257 26.54 7.51 -30.56
C VAL A 257 25.23 7.54 -29.78
N VAL A 258 24.13 7.75 -30.50
CA VAL A 258 22.80 7.80 -29.94
C VAL A 258 21.98 6.74 -30.68
N SER A 259 21.63 5.66 -29.97
CA SER A 259 20.98 4.51 -30.58
C SER A 259 19.57 4.32 -30.03
N PRO A 260 18.58 4.86 -30.68
CA PRO A 260 17.18 4.54 -30.34
C PRO A 260 16.80 3.16 -30.87
N THR A 261 17.29 2.14 -30.19
CA THR A 261 17.19 0.76 -30.67
C THR A 261 15.73 0.35 -30.89
N PRO A 262 15.39 -0.23 -32.03
CA PRO A 262 14.03 -0.76 -32.21
C PRO A 262 13.74 -1.90 -31.25
N LYS A 263 12.47 -2.03 -30.88
CA LYS A 263 12.03 -3.05 -29.94
C LYS A 263 12.47 -4.44 -30.40
N GLY A 264 13.15 -5.15 -29.50
CA GLY A 264 13.62 -6.49 -29.78
C GLY A 264 15.04 -6.57 -30.30
N VAL A 265 15.57 -5.48 -30.83
CA VAL A 265 16.88 -5.47 -31.47
C VAL A 265 17.97 -5.38 -30.41
N ASP A 266 19.08 -6.08 -30.65
CA ASP A 266 20.29 -5.96 -29.85
C ASP A 266 21.36 -5.33 -30.73
N ALA A 267 21.63 -4.05 -30.52
CA ALA A 267 22.70 -3.35 -31.22
C ALA A 267 23.75 -2.83 -30.25
N LEU A 268 23.76 -3.34 -29.01
CA LEU A 268 24.62 -2.79 -27.98
C LEU A 268 26.10 -2.91 -28.35
N SER A 269 26.52 -4.12 -28.75
CA SER A 269 27.92 -4.35 -29.07
C SER A 269 28.38 -3.50 -30.25
N LEU A 270 27.57 -3.42 -31.30
CA LEU A 270 27.95 -2.66 -32.49
C LEU A 270 28.04 -1.17 -32.21
N THR A 271 26.97 -0.60 -31.65
CA THR A 271 26.95 0.84 -31.40
C THR A 271 28.03 1.22 -30.39
N LEU A 272 28.24 0.40 -29.37
CA LEU A 272 29.34 0.67 -28.44
C LEU A 272 30.68 0.57 -29.16
N SER A 273 30.80 -0.36 -30.12
CA SER A 273 32.04 -0.50 -30.87
C SER A 273 32.34 0.75 -31.68
N LYS A 274 31.31 1.48 -32.11
CA LYS A 274 31.57 2.67 -32.91
C LYS A 274 31.75 3.95 -32.10
N ALA A 275 31.68 3.89 -30.76
CA ALA A 275 31.80 5.06 -29.88
C ALA A 275 33.11 5.07 -29.09
N GLU A 276 33.72 6.25 -28.96
CA GLU A 276 34.88 6.44 -28.08
C GLU A 276 34.61 7.30 -26.85
N LYS A 277 33.62 8.18 -26.87
CA LYS A 277 33.41 9.05 -25.72
C LYS A 277 32.06 8.84 -25.07
N PHE A 278 30.98 8.79 -25.85
CA PHE A 278 29.66 8.65 -25.25
C PHE A 278 28.83 7.70 -26.09
N LEU A 279 28.11 6.80 -25.42
CA LEU A 279 27.05 6.04 -26.05
C LEU A 279 25.77 6.26 -25.27
N HIS A 280 24.68 6.56 -25.98
CA HIS A 280 23.36 6.64 -25.37
C HIS A 280 22.53 5.52 -25.97
N TYR A 281 22.36 4.43 -25.22
CA TYR A 281 21.76 3.21 -25.75
C TYR A 281 20.37 3.03 -25.16
N TYR A 282 19.36 3.13 -26.00
CA TYR A 282 17.97 2.94 -25.57
C TYR A 282 17.59 1.48 -25.66
N ASP A 283 16.78 1.03 -24.70
CA ASP A 283 16.33 -0.35 -24.69
C ASP A 283 15.01 -0.43 -23.94
N PHE A 284 14.39 -1.61 -23.97
CA PHE A 284 13.12 -1.85 -23.30
C PHE A 284 13.35 -2.89 -22.22
N VAL A 285 13.21 -2.48 -20.96
CA VAL A 285 13.61 -3.31 -19.82
C VAL A 285 12.52 -3.24 -18.76
N HIS A 286 12.16 -4.40 -18.20
CA HIS A 286 11.30 -4.44 -17.03
C HIS A 286 12.06 -3.85 -15.84
N GLU A 287 11.30 -3.18 -14.96
CA GLU A 287 11.88 -2.47 -13.83
C GLU A 287 12.84 -3.34 -13.02
N SER A 288 12.40 -4.52 -12.60
CA SER A 288 13.22 -5.37 -11.74
C SER A 288 14.49 -5.85 -12.42
N GLU A 289 14.60 -5.71 -13.73
CA GLU A 289 15.79 -6.10 -14.47
C GLU A 289 16.71 -4.93 -14.78
N ILE A 290 16.30 -3.70 -14.43
CA ILE A 290 17.07 -2.52 -14.82
C ILE A 290 18.52 -2.63 -14.38
N GLU A 291 18.74 -3.04 -13.12
CA GLU A 291 20.13 -3.13 -12.65
C GLU A 291 20.88 -4.21 -13.41
N ARG A 292 20.23 -5.35 -13.68
CA ARG A 292 20.86 -6.36 -14.50
C ARG A 292 21.18 -5.81 -15.89
N PHE A 293 20.27 -4.99 -16.44
CA PHE A 293 20.54 -4.37 -17.73
C PHE A 293 21.84 -3.59 -17.68
N ARG A 294 22.05 -2.82 -16.61
CA ARG A 294 23.30 -2.11 -16.44
C ARG A 294 24.49 -3.08 -16.43
N GLU A 295 24.41 -4.17 -15.67
CA GLU A 295 25.53 -5.09 -15.65
C GLU A 295 25.82 -5.60 -17.06
N ARG A 296 24.77 -5.89 -17.83
CA ARG A 296 24.99 -6.32 -19.21
C ARG A 296 25.80 -5.30 -19.97
N VAL A 297 25.41 -4.02 -19.85
CA VAL A 297 26.15 -2.97 -20.54
C VAL A 297 27.59 -2.97 -20.06
N LEU A 298 27.79 -3.05 -18.74
CA LEU A 298 29.16 -3.01 -18.24
C LEU A 298 29.93 -4.21 -18.76
N GLU A 299 29.27 -5.37 -18.84
CA GLU A 299 29.93 -6.54 -19.39
C GLU A 299 30.43 -6.25 -20.79
N GLU A 300 29.55 -5.70 -21.63
CA GLU A 300 29.95 -5.45 -23.01
C GLU A 300 31.08 -4.44 -23.06
N CYS A 301 31.03 -3.43 -22.19
CA CYS A 301 32.12 -2.46 -22.15
C CYS A 301 33.44 -3.17 -21.93
N ARG A 302 33.51 -4.04 -20.92
CA ARG A 302 34.77 -4.68 -20.63
C ARG A 302 35.11 -5.74 -21.67
N ARG A 303 34.10 -6.23 -22.41
CA ARG A 303 34.41 -7.13 -23.52
C ARG A 303 35.12 -6.39 -24.63
N GLN A 304 34.89 -5.09 -24.77
CA GLN A 304 35.56 -4.28 -25.77
C GLN A 304 36.82 -3.59 -25.24
N GLY A 305 37.22 -3.86 -24.00
CA GLY A 305 38.42 -3.26 -23.47
C GLY A 305 38.27 -1.79 -23.16
N LYS A 306 37.04 -1.34 -22.90
CA LYS A 306 36.75 0.05 -22.58
C LYS A 306 36.48 0.23 -21.10
N GLU A 307 36.96 1.33 -20.54
CA GLU A 307 36.69 1.70 -19.16
C GLU A 307 35.59 2.75 -19.15
N CYS A 308 34.45 2.42 -18.55
CA CYS A 308 33.26 3.25 -18.68
C CYS A 308 32.58 3.43 -17.34
N ARG A 309 31.92 4.58 -17.19
CA ARG A 309 30.89 4.78 -16.19
C ARG A 309 29.55 4.64 -16.89
N VAL A 310 28.66 3.83 -16.33
CA VAL A 310 27.38 3.52 -16.97
C VAL A 310 26.26 3.85 -16.00
N SER A 311 25.35 4.71 -16.44
CA SER A 311 24.14 5.04 -15.70
C SER A 311 22.96 4.84 -16.63
N VAL A 312 21.94 4.14 -16.13
CA VAL A 312 20.72 3.90 -16.88
C VAL A 312 19.59 4.61 -16.16
N ARG A 313 18.73 5.23 -16.94
CA ARG A 313 17.63 6.03 -16.46
C ARG A 313 16.35 5.64 -17.18
N LYS A 314 15.21 5.79 -16.52
CA LYS A 314 13.94 5.51 -17.19
C LYS A 314 13.55 6.66 -18.11
N VAL A 315 13.21 6.33 -19.35
CA VAL A 315 12.84 7.33 -20.34
C VAL A 315 11.33 7.44 -20.49
N SER A 316 10.62 6.32 -20.49
CA SER A 316 9.17 6.37 -20.63
C SER A 316 8.57 5.03 -20.22
N ASP A 317 7.27 5.04 -19.94
CA ASP A 317 6.54 3.81 -19.66
C ASP A 317 6.17 3.13 -20.98
N TYR A 318 6.66 1.90 -21.17
CA TYR A 318 6.36 1.17 -22.40
C TYR A 318 5.12 0.28 -22.25
N LYS A 319 5.07 -0.50 -21.18
CA LYS A 319 3.90 -1.29 -20.82
C LYS A 319 4.00 -1.55 -19.33
N PRO A 320 3.00 -2.20 -18.67
CA PRO A 320 3.06 -2.36 -17.20
C PRO A 320 4.38 -2.90 -16.68
N HIS A 321 5.03 -2.14 -15.80
CA HIS A 321 6.29 -2.49 -15.15
C HIS A 321 7.47 -2.55 -16.11
N VAL A 322 7.31 -2.10 -17.36
CA VAL A 322 8.37 -2.10 -18.35
C VAL A 322 8.61 -0.66 -18.79
N TYR A 323 9.87 -0.25 -18.78
CA TYR A 323 10.26 1.09 -19.19
C TYR A 323 11.18 1.05 -20.39
N LYS A 324 10.96 2.03 -21.28
CA LYS A 324 11.97 2.46 -22.22
C LYS A 324 13.03 3.23 -21.45
N VAL A 325 14.26 2.73 -21.48
CA VAL A 325 15.36 3.28 -20.70
C VAL A 325 16.51 3.65 -21.63
N CYS A 326 17.44 4.43 -21.08
CA CYS A 326 18.65 4.82 -21.78
C CYS A 326 19.85 4.59 -20.86
N ALA A 327 20.82 3.83 -21.36
CA ALA A 327 22.13 3.69 -20.72
C ALA A 327 23.07 4.76 -21.26
N ASP A 328 23.50 5.67 -20.37
CA ASP A 328 24.54 6.65 -20.65
C ASP A 328 25.89 6.06 -20.34
N VAL A 329 26.68 5.85 -21.38
CA VAL A 329 27.98 5.27 -21.23
C VAL A 329 28.99 6.37 -21.51
N GLU A 330 29.79 6.70 -20.49
CA GLU A 330 30.88 7.65 -20.59
C GLU A 330 32.17 6.83 -20.69
N ILE A 331 32.84 6.93 -21.83
CA ILE A 331 34.05 6.15 -22.11
C ILE A 331 35.29 6.95 -21.74
N LEU A 332 36.26 6.27 -21.13
CA LEU A 332 37.44 6.91 -20.56
C LEU A 332 38.71 6.53 -21.33
N GLY C 3 -33.97 9.98 43.07
CA GLY C 3 -32.91 10.97 43.05
C GLY C 3 -32.95 11.97 44.18
N VAL C 4 -31.90 12.75 44.31
CA VAL C 4 -31.73 13.74 45.37
C VAL C 4 -31.46 15.09 44.72
N LYS C 5 -32.02 16.15 45.31
CA LYS C 5 -31.77 17.51 44.88
C LYS C 5 -30.79 18.17 45.83
N VAL C 6 -29.73 18.73 45.27
CA VAL C 6 -28.69 19.40 46.04
C VAL C 6 -28.35 20.72 45.37
N ARG C 7 -27.99 21.69 46.20
CA ARG C 7 -27.53 22.98 45.67
C ARG C 7 -26.31 22.76 44.80
N ARG C 8 -26.31 23.41 43.64
CA ARG C 8 -25.30 23.13 42.63
C ARG C 8 -23.89 23.37 43.15
N GLU C 9 -23.69 24.44 43.92
CA GLU C 9 -22.36 24.73 44.45
C GLU C 9 -21.86 23.62 45.36
N ASP C 10 -22.77 22.89 46.01
CA ASP C 10 -22.42 21.81 46.90
C ASP C 10 -22.28 20.47 46.17
N ALA C 11 -22.69 20.42 44.90
CA ALA C 11 -23.08 19.16 44.28
C ALA C 11 -22.00 18.08 44.41
N LYS C 12 -20.75 18.41 44.05
CA LYS C 12 -19.73 17.37 44.02
C LYS C 12 -19.48 16.81 45.41
N LYS C 13 -19.46 17.66 46.44
CA LYS C 13 -19.31 17.13 47.78
C LYS C 13 -20.42 16.13 48.07
N VAL C 14 -21.66 16.53 47.80
CA VAL C 14 -22.79 15.59 47.92
C VAL C 14 -22.49 14.35 47.09
N LEU C 15 -22.04 14.55 45.85
CA LEU C 15 -21.77 13.42 44.98
C LEU C 15 -20.78 12.47 45.64
N GLU C 16 -19.69 13.01 46.18
CA GLU C 16 -18.70 12.10 46.74
C GLU C 16 -19.20 11.49 48.03
N LEU C 17 -20.07 12.21 48.74
CA LEU C 17 -20.75 11.61 49.89
C LEU C 17 -21.51 10.39 49.45
N LEU C 18 -22.27 10.51 48.35
CA LEU C 18 -23.00 9.36 47.85
C LEU C 18 -22.03 8.24 47.46
N LYS C 19 -20.94 8.60 46.77
CA LYS C 19 -19.92 7.60 46.46
C LYS C 19 -19.38 6.99 47.74
N SER C 20 -19.18 7.81 48.76
CA SER C 20 -18.72 7.30 50.05
C SER C 20 -19.74 6.34 50.64
N VAL C 21 -21.03 6.69 50.54
CA VAL C 21 -22.04 5.80 51.10
C VAL C 21 -22.38 4.68 50.13
N GLY C 22 -22.30 4.94 48.83
CA GLY C 22 -22.48 3.90 47.84
C GLY C 22 -23.89 3.74 47.35
N ILE C 23 -24.68 4.81 47.37
CA ILE C 23 -26.08 4.75 46.97
C ILE C 23 -26.33 5.43 45.64
N LEU C 24 -25.29 5.94 44.99
CA LEU C 24 -25.48 6.56 43.69
C LEU C 24 -25.83 5.49 42.67
N ASP C 25 -26.86 5.75 41.86
CA ASP C 25 -27.30 4.80 40.86
C ASP C 25 -26.55 5.05 39.56
N GLY C 26 -25.83 4.03 39.10
CA GLY C 26 -25.13 4.16 37.84
C GLY C 26 -25.97 3.86 36.61
N LYS C 27 -27.10 3.16 36.79
CA LYS C 27 -27.91 2.81 35.63
C LYS C 27 -28.60 4.02 35.02
N ARG C 28 -28.92 5.03 35.84
CA ARG C 28 -29.56 6.24 35.33
C ARG C 28 -28.54 7.35 35.13
N LYS C 29 -29.04 8.55 34.85
CA LYS C 29 -28.20 9.68 34.46
C LYS C 29 -28.75 10.93 35.13
N ALA C 30 -27.85 11.87 35.41
CA ALA C 30 -28.15 12.94 36.35
C ALA C 30 -28.52 14.22 35.61
N ILE C 31 -29.54 14.89 36.11
CA ILE C 31 -30.02 16.13 35.53
C ILE C 31 -29.61 17.27 36.44
N ARG C 32 -29.41 18.43 35.83
CA ARG C 32 -29.00 19.64 36.52
C ARG C 32 -29.73 20.80 35.87
N ASP C 33 -29.90 21.87 36.62
CA ASP C 33 -30.52 23.08 36.10
C ASP C 33 -29.62 24.26 36.43
N GLU C 34 -30.01 25.43 35.94
CA GLU C 34 -29.25 26.63 36.26
C GLU C 34 -29.16 26.85 37.75
N LYS C 35 -30.10 26.30 38.52
CA LYS C 35 -30.16 26.47 39.97
C LYS C 35 -29.68 25.26 40.78
N TYR C 36 -30.09 24.03 40.43
CA TYR C 36 -29.82 22.88 41.30
C TYR C 36 -29.49 21.64 40.49
N VAL C 37 -29.06 20.58 41.20
CA VAL C 37 -28.68 19.31 40.58
C VAL C 37 -29.38 18.14 41.26
N ILE C 38 -29.80 17.15 40.47
CA ILE C 38 -30.47 15.95 40.96
C ILE C 38 -29.65 14.73 40.56
N PHE C 39 -29.38 13.85 41.54
CA PHE C 39 -28.61 12.62 41.36
C PHE C 39 -29.46 11.38 41.59
N PRO C 40 -29.42 10.38 40.72
CA PRO C 40 -30.21 9.17 40.99
C PRO C 40 -29.59 8.38 42.14
N VAL C 41 -30.47 7.77 42.95
CA VAL C 41 -30.07 7.14 44.20
C VAL C 41 -30.57 5.70 44.22
N THR C 42 -29.86 4.85 44.95
CA THR C 42 -30.22 3.44 45.01
C THR C 42 -31.32 3.18 46.04
N ASP C 43 -31.25 3.82 47.21
CA ASP C 43 -32.21 3.61 48.28
C ASP C 43 -32.39 4.90 49.07
N THR C 44 -33.63 5.14 49.50
CA THR C 44 -34.05 6.44 50.03
C THR C 44 -33.82 6.60 51.53
N ASN C 45 -33.86 5.50 52.28
CA ASN C 45 -33.67 5.59 53.73
C ASN C 45 -32.31 6.21 54.05
N ILE C 46 -31.26 5.82 53.33
CA ILE C 46 -29.96 6.43 53.55
C ILE C 46 -29.91 7.84 52.99
N ALA C 47 -30.76 8.16 52.01
CA ALA C 47 -30.86 9.54 51.54
C ALA C 47 -31.36 10.45 52.65
N LYS C 48 -32.41 10.03 53.35
CA LYS C 48 -32.88 10.82 54.49
C LYS C 48 -31.90 10.74 55.65
N SER C 49 -31.17 9.63 55.77
CA SER C 49 -30.14 9.53 56.79
C SER C 49 -29.02 10.54 56.58
N LEU C 50 -28.71 10.86 55.32
CA LEU C 50 -27.80 11.96 55.06
C LEU C 50 -28.48 13.32 55.20
N GLY C 51 -29.81 13.35 55.20
CA GLY C 51 -30.55 14.57 55.42
C GLY C 51 -30.67 15.48 54.22
N LEU C 52 -30.31 15.01 53.02
CA LEU C 52 -30.47 15.82 51.83
C LEU C 52 -31.90 15.70 51.33
N GLU C 53 -32.39 16.77 50.71
CA GLU C 53 -33.71 16.72 50.09
C GLU C 53 -33.72 15.72 48.95
N VAL C 54 -34.70 14.83 48.98
CA VAL C 54 -34.83 13.75 48.00
C VAL C 54 -36.13 13.97 47.24
N VAL C 55 -36.03 13.94 45.92
CA VAL C 55 -37.17 14.22 45.05
C VAL C 55 -37.37 12.98 44.17
N ASP C 56 -38.63 12.72 43.84
CA ASP C 56 -38.99 11.52 43.10
C ASP C 56 -39.39 11.92 41.68
N VAL C 57 -38.52 11.61 40.73
CA VAL C 57 -38.74 11.88 39.32
C VAL C 57 -38.08 10.77 38.53
N GLU C 58 -38.44 10.67 37.25
CA GLU C 58 -37.83 9.70 36.36
C GLU C 58 -36.55 10.29 35.80
N LEU C 59 -35.45 9.69 36.13
CA LEU C 59 -34.20 10.19 35.57
C LEU C 59 -33.81 9.31 34.40
N PRO C 60 -33.24 9.91 33.35
CA PRO C 60 -33.04 9.16 32.10
C PRO C 60 -32.22 7.91 32.34
N MET C 61 -32.70 6.80 31.78
CA MET C 61 -31.88 5.60 31.75
C MET C 61 -30.65 5.88 30.90
N ARG C 62 -29.53 5.36 31.32
CA ARG C 62 -28.30 5.69 30.62
C ARG C 62 -28.10 4.74 29.46
N PRO C 63 -27.34 5.16 28.44
CA PRO C 63 -27.10 4.25 27.31
C PRO C 63 -26.37 2.99 27.76
N GLU C 64 -26.74 1.88 27.12
CA GLU C 64 -26.32 0.56 27.57
C GLU C 64 -24.81 0.37 27.46
N ARG C 65 -24.18 0.97 26.45
CA ARG C 65 -22.73 0.91 26.32
C ARG C 65 -22.00 1.51 27.52
N GLN C 66 -22.67 2.36 28.30
CA GLN C 66 -22.09 2.98 29.48
C GLN C 66 -22.43 2.26 30.77
N ILE C 67 -23.22 1.19 30.69
CA ILE C 67 -23.58 0.39 31.85
C ILE C 67 -22.51 -0.68 32.06
N TYR C 68 -22.00 -0.77 33.29
CA TYR C 68 -21.07 -1.84 33.62
C TYR C 68 -21.84 -3.14 33.77
N LYS C 69 -21.63 -4.05 32.82
CA LYS C 69 -22.27 -5.35 32.88
C LYS C 69 -21.20 -6.43 32.71
N ASN C 70 -21.40 -7.55 33.40
CA ASN C 70 -20.65 -8.76 33.11
C ASN C 70 -21.59 -9.75 32.45
N LEU C 71 -21.05 -10.87 31.97
CA LEU C 71 -21.91 -11.81 31.26
C LEU C 71 -22.85 -12.51 32.24
N GLU C 72 -22.44 -12.61 33.52
CA GLU C 72 -23.34 -13.15 34.52
C GLU C 72 -24.56 -12.25 34.73
N ASP C 73 -24.33 -10.93 34.74
CA ASP C 73 -25.44 -9.99 34.90
C ASP C 73 -26.44 -10.12 33.76
N LEU C 74 -25.93 -10.32 32.54
CA LEU C 74 -26.74 -10.24 31.33
C LEU C 74 -27.32 -11.59 30.94
N LEU C 75 -27.37 -12.54 31.86
CA LEU C 75 -27.85 -13.86 31.54
C LEU C 75 -28.49 -14.52 32.76
N PRO C 76 -29.59 -15.26 32.58
CA PRO C 76 -30.22 -15.97 33.70
C PRO C 76 -29.27 -16.92 34.41
N ARG C 77 -29.58 -17.19 35.68
CA ARG C 77 -28.70 -17.95 36.57
C ARG C 77 -28.36 -19.32 36.00
N GLU C 78 -29.36 -20.05 35.51
CA GLU C 78 -29.13 -21.43 35.06
C GLU C 78 -28.05 -21.48 33.99
N ILE C 79 -28.21 -20.70 32.93
CA ILE C 79 -27.30 -20.77 31.80
C ILE C 79 -25.89 -20.39 32.21
N PHE C 80 -25.75 -19.34 33.03
CA PHE C 80 -24.43 -18.94 33.48
C PHE C 80 -23.79 -20.04 34.33
N LYS C 81 -24.59 -20.68 35.17
CA LYS C 81 -24.09 -21.84 35.91
C LYS C 81 -23.58 -22.91 34.95
N LYS C 82 -24.21 -23.05 33.78
CA LYS C 82 -23.76 -24.06 32.83
C LYS C 82 -22.42 -23.70 32.20
N LEU C 83 -22.22 -22.43 31.84
CA LEU C 83 -20.99 -21.97 31.18
C LEU C 83 -19.76 -22.14 32.10
N GLY C 84 -18.55 -22.21 31.56
CA GLY C 84 -18.25 -22.00 30.15
C GLY C 84 -17.54 -20.66 30.00
N ARG C 85 -16.31 -20.57 30.50
CA ARG C 85 -15.62 -19.27 30.51
C ARG C 85 -15.37 -18.79 29.09
N LEU C 86 -15.59 -17.49 28.88
CA LEU C 86 -15.52 -16.90 27.56
C LEU C 86 -14.09 -16.52 27.21
N ASP C 87 -13.69 -16.83 25.98
CA ASP C 87 -12.38 -16.40 25.48
C ASP C 87 -12.59 -15.64 24.18
N ILE C 88 -11.97 -14.48 24.08
CA ILE C 88 -12.06 -13.67 22.87
C ILE C 88 -10.74 -13.82 22.10
N VAL C 89 -10.85 -14.23 20.85
CA VAL C 89 -9.71 -14.45 19.97
C VAL C 89 -9.99 -13.60 18.74
N GLY C 90 -9.40 -12.41 18.66
CA GLY C 90 -9.68 -11.54 17.55
C GLY C 90 -11.16 -11.23 17.42
N ASP C 91 -11.76 -11.71 16.33
CA ASP C 91 -13.18 -11.53 16.05
C ASP C 91 -14.06 -12.62 16.64
N ILE C 92 -13.51 -13.77 17.04
CA ILE C 92 -14.32 -14.93 17.45
C ILE C 92 -14.37 -15.02 18.96
N ALA C 93 -15.56 -15.33 19.48
CA ALA C 93 -15.77 -15.61 20.91
C ALA C 93 -16.01 -17.10 21.07
N ILE C 94 -15.20 -17.74 21.92
CA ILE C 94 -15.23 -19.17 22.14
C ILE C 94 -15.79 -19.46 23.53
N VAL C 95 -16.79 -20.36 23.60
CA VAL C 95 -17.49 -20.72 24.83
C VAL C 95 -17.81 -22.22 24.83
N SER C 96 -17.90 -22.80 26.02
CA SER C 96 -18.32 -24.18 26.24
C SER C 96 -19.73 -24.24 26.81
N ILE C 97 -20.67 -24.80 26.04
CA ILE C 97 -22.05 -24.96 26.48
C ILE C 97 -22.34 -26.48 26.63
N PRO C 98 -22.55 -26.98 27.83
CA PRO C 98 -23.05 -28.35 27.96
C PRO C 98 -24.48 -28.41 27.42
N ASP C 99 -24.96 -29.63 27.15
CA ASP C 99 -26.26 -29.75 26.50
C ASP C 99 -27.43 -29.66 27.47
N GLU C 100 -27.16 -29.61 28.78
CA GLU C 100 -28.19 -29.17 29.72
C GLU C 100 -28.70 -27.79 29.33
N ILE C 101 -27.81 -26.95 28.80
CA ILE C 101 -28.16 -25.59 28.41
C ILE C 101 -28.21 -25.45 26.89
N LEU C 102 -28.39 -26.56 26.17
CA LEU C 102 -28.35 -26.46 24.72
C LEU C 102 -29.64 -25.88 24.17
N SER C 103 -30.75 -26.13 24.87
CA SER C 103 -32.05 -25.60 24.47
C SER C 103 -32.02 -24.07 24.32
N GLU C 104 -31.22 -23.40 25.13
CA GLU C 104 -31.11 -21.94 25.18
C GLU C 104 -30.10 -21.33 24.22
N ARG C 105 -29.49 -22.10 23.31
CA ARG C 105 -28.29 -21.64 22.60
C ARG C 105 -28.25 -20.16 22.21
N GLU C 106 -29.22 -19.67 21.45
CA GLU C 106 -29.14 -18.30 20.92
C GLU C 106 -29.23 -17.21 21.99
N VAL C 107 -29.89 -17.46 23.12
CA VAL C 107 -29.86 -16.47 24.20
C VAL C 107 -28.41 -16.16 24.55
N ILE C 108 -27.57 -17.20 24.60
CA ILE C 108 -26.14 -17.00 24.82
C ILE C 108 -25.62 -15.99 23.82
N VAL C 109 -25.94 -16.20 22.53
CA VAL C 109 -25.46 -15.32 21.49
C VAL C 109 -25.81 -13.88 21.85
N SER C 110 -27.09 -13.64 22.16
CA SER C 110 -27.51 -12.28 22.46
C SER C 110 -26.68 -11.73 23.60
N ALA C 111 -26.59 -12.48 24.69
CA ALA C 111 -25.82 -12.01 25.85
C ALA C 111 -24.40 -11.68 25.42
N ILE C 112 -23.74 -12.61 24.72
CA ILE C 112 -22.35 -12.39 24.36
C ILE C 112 -22.26 -11.20 23.41
N ARG C 113 -23.21 -11.08 22.48
CA ARG C 113 -23.15 -9.99 21.52
C ARG C 113 -23.43 -8.66 22.19
N LYS C 114 -24.18 -8.66 23.30
CA LYS C 114 -24.35 -7.43 24.06
C LYS C 114 -23.08 -7.04 24.81
N LEU C 115 -22.21 -8.01 25.12
CA LEU C 115 -20.99 -7.73 25.85
C LEU C 115 -19.89 -7.27 24.90
N TYR C 116 -19.71 -7.96 23.78
CA TYR C 116 -18.74 -7.59 22.78
C TYR C 116 -19.47 -7.47 21.41
N PRO C 117 -19.61 -6.21 20.90
CA PRO C 117 -20.13 -5.97 19.52
C PRO C 117 -19.23 -6.15 18.29
N LYS C 118 -17.89 -6.16 18.36
CA LYS C 118 -17.11 -6.28 17.13
C LYS C 118 -17.02 -7.73 16.66
N VAL C 119 -17.81 -8.61 17.26
CA VAL C 119 -17.76 -10.04 17.07
C VAL C 119 -18.53 -10.40 15.80
N LYS C 120 -17.99 -11.33 15.02
CA LYS C 120 -18.68 -11.82 13.84
C LYS C 120 -19.06 -13.29 13.93
N VAL C 121 -18.51 -14.02 14.91
CA VAL C 121 -18.82 -15.43 15.07
C VAL C 121 -18.57 -15.88 16.50
N ILE C 122 -19.53 -16.59 17.09
CA ILE C 122 -19.40 -17.18 18.41
C ILE C 122 -19.48 -18.70 18.25
N ALA C 123 -18.52 -19.41 18.83
CA ALA C 123 -18.35 -20.83 18.57
C ALA C 123 -18.37 -21.62 19.88
N ARG C 124 -18.94 -22.81 19.82
CA ARG C 124 -18.96 -23.70 20.97
C ARG C 124 -17.68 -24.55 20.99
N ARG C 125 -17.23 -24.89 22.20
CA ARG C 125 -15.88 -25.38 22.40
C ARG C 125 -15.85 -26.87 22.73
N GLY C 126 -14.87 -27.57 22.17
CA GLY C 126 -14.62 -28.97 22.50
C GLY C 126 -13.27 -29.18 23.15
N PHE C 127 -12.60 -30.28 22.80
CA PHE C 127 -11.29 -30.60 23.35
C PHE C 127 -10.26 -30.62 22.24
N HIS C 128 -8.99 -30.65 22.63
CA HIS C 128 -7.88 -30.74 21.70
C HIS C 128 -7.57 -32.19 21.37
N SER C 129 -7.33 -32.47 20.09
CA SER C 129 -7.11 -33.85 19.65
C SER C 129 -6.09 -33.89 18.52
N GLY C 130 -5.55 -35.08 18.30
CA GLY C 130 -4.59 -35.31 17.24
C GLY C 130 -3.23 -34.76 17.61
N LEU C 131 -2.33 -34.76 16.62
CA LEU C 131 -0.95 -34.37 16.89
C LEU C 131 -0.69 -32.94 16.46
N TYR C 132 -1.71 -32.28 15.92
CA TYR C 132 -1.70 -30.84 15.72
C TYR C 132 -2.41 -30.11 16.85
N ARG C 133 -2.92 -30.86 17.84
CA ARG C 133 -3.60 -30.30 19.00
C ARG C 133 -4.73 -29.34 18.62
N ILE C 134 -5.33 -29.55 17.44
CA ILE C 134 -6.46 -28.71 17.04
C ILE C 134 -7.63 -28.93 17.98
N ARG C 135 -8.29 -27.83 18.34
CA ARG C 135 -9.43 -27.89 19.25
C ARG C 135 -10.73 -28.00 18.45
N GLU C 136 -11.64 -28.81 18.97
CA GLU C 136 -12.95 -28.97 18.32
C GLU C 136 -13.78 -27.72 18.52
N LEU C 137 -14.13 -27.06 17.43
CA LEU C 137 -14.91 -25.84 17.48
C LEU C 137 -15.99 -25.88 16.41
N GLU C 138 -17.24 -25.68 16.82
CA GLU C 138 -18.35 -25.54 15.89
C GLU C 138 -19.11 -24.26 16.22
N VAL C 139 -19.63 -23.63 15.18
CA VAL C 139 -20.20 -22.29 15.27
C VAL C 139 -21.69 -22.38 15.57
N ILE C 140 -22.10 -21.77 16.68
CA ILE C 140 -23.52 -21.63 16.98
C ILE C 140 -24.06 -20.26 16.60
N TRP C 141 -23.22 -19.33 16.14
CA TRP C 141 -23.75 -18.11 15.56
C TRP C 141 -22.74 -17.45 14.60
N GLY C 142 -23.26 -16.95 13.47
CA GLY C 142 -22.55 -15.98 12.64
C GLY C 142 -21.81 -16.53 11.42
N GLU C 143 -20.86 -15.70 10.94
CA GLU C 143 -20.08 -16.05 9.77
C GLU C 143 -19.44 -17.41 10.00
N ASN C 144 -19.69 -18.34 9.09
CA ASN C 144 -19.18 -19.69 9.26
C ASN C 144 -17.73 -19.69 8.82
N ARG C 145 -16.89 -19.15 9.69
CA ARG C 145 -15.45 -19.14 9.51
C ARG C 145 -14.84 -19.12 10.90
N LEU C 146 -13.66 -19.73 11.01
CA LEU C 146 -12.96 -19.80 12.28
C LEU C 146 -11.53 -19.27 12.17
N HIS C 147 -11.27 -18.45 11.17
CA HIS C 147 -9.97 -17.81 10.99
C HIS C 147 -10.13 -16.33 11.26
N THR C 148 -9.15 -15.74 11.94
CA THR C 148 -9.18 -14.31 12.27
C THR C 148 -7.78 -13.91 12.72
N ILE C 149 -7.59 -12.61 12.93
CA ILE C 149 -6.34 -12.03 13.41
C ILE C 149 -6.57 -11.55 14.84
N HIS C 150 -5.61 -11.85 15.72
CA HIS C 150 -5.70 -11.61 17.15
C HIS C 150 -4.50 -10.80 17.61
N LYS C 151 -4.71 -9.82 18.47
CA LYS C 151 -3.62 -8.99 18.98
C LYS C 151 -3.21 -9.45 20.36
N GLU C 152 -1.90 -9.53 20.60
CA GLU C 152 -1.40 -9.96 21.90
C GLU C 152 0.01 -9.43 22.12
N ASN C 153 0.21 -8.74 23.25
CA ASN C 153 1.54 -8.26 23.67
C ASN C 153 2.23 -7.49 22.55
N GLY C 154 1.45 -6.72 21.80
CA GLY C 154 2.01 -5.88 20.75
C GLY C 154 2.26 -6.55 19.42
N VAL C 155 1.92 -7.84 19.27
CA VAL C 155 2.07 -8.53 17.99
C VAL C 155 0.70 -8.94 17.49
N LEU C 156 0.63 -9.18 16.18
CA LEU C 156 -0.57 -9.67 15.50
C LEU C 156 -0.37 -11.13 15.15
N ILE C 157 -1.41 -11.93 15.35
CA ILE C 157 -1.36 -13.38 15.22
C ILE C 157 -2.55 -13.80 14.35
N LYS C 158 -2.28 -14.19 13.11
CA LYS C 158 -3.30 -14.82 12.28
C LYS C 158 -3.48 -16.28 12.71
N VAL C 159 -4.72 -16.67 13.00
CA VAL C 159 -5.01 -18.03 13.45
C VAL C 159 -6.30 -18.50 12.80
N ASP C 160 -6.29 -19.74 12.29
CA ASP C 160 -7.49 -20.45 11.86
C ASP C 160 -7.74 -21.56 12.89
N LEU C 161 -8.71 -21.33 13.77
CA LEU C 161 -8.92 -22.25 14.89
C LEU C 161 -9.37 -23.64 14.44
N SER C 162 -9.67 -23.83 13.17
CA SER C 162 -10.03 -25.14 12.63
C SER C 162 -8.82 -25.93 12.16
N LYS C 163 -7.65 -25.31 12.04
CA LYS C 163 -6.48 -25.99 11.49
C LYS C 163 -5.21 -25.81 12.31
N VAL C 164 -5.26 -25.11 13.44
CA VAL C 164 -4.06 -24.88 14.24
C VAL C 164 -4.44 -24.80 15.70
N PHE C 165 -3.45 -25.01 16.57
CA PHE C 165 -3.56 -24.80 18.00
C PHE C 165 -3.19 -23.37 18.34
N PHE C 166 -4.05 -22.72 19.14
CA PHE C 166 -3.66 -21.45 19.75
C PHE C 166 -4.52 -21.21 20.97
N ASN C 167 -3.88 -20.82 22.07
CA ASN C 167 -4.57 -20.51 23.32
C ASN C 167 -4.21 -19.09 23.74
N PRO C 168 -5.18 -18.17 23.82
CA PRO C 168 -4.84 -16.79 24.19
C PRO C 168 -4.23 -16.64 25.57
N ARG C 169 -4.61 -17.50 26.52
CA ARG C 169 -4.25 -17.30 27.92
C ARG C 169 -2.75 -17.43 28.14
N MET C 170 -2.08 -18.29 27.38
CA MET C 170 -0.66 -18.40 27.60
C MET C 170 0.09 -17.12 27.27
N LYS C 171 -0.64 -16.09 26.78
CA LYS C 171 -0.03 -14.78 26.64
C LYS C 171 0.70 -14.40 27.91
N GLY C 172 0.05 -14.62 29.07
CA GLY C 172 0.71 -14.28 30.31
C GLY C 172 2.04 -14.99 30.42
N GLU C 173 2.02 -16.31 30.27
CA GLU C 173 3.25 -17.08 30.39
C GLU C 173 4.24 -16.61 29.34
N ARG C 174 3.75 -16.36 28.12
CA ARG C 174 4.68 -15.96 27.07
C ARG C 174 5.39 -14.68 27.44
N TYR C 175 4.63 -13.69 27.94
CA TYR C 175 5.28 -12.42 28.29
C TYR C 175 6.38 -12.67 29.29
N ARG C 176 6.10 -13.53 30.27
CA ARG C 176 7.07 -13.78 31.32
C ARG C 176 8.31 -14.45 30.74
N ILE C 177 8.13 -15.40 29.82
CA ILE C 177 9.31 -16.01 29.20
C ILE C 177 10.08 -14.94 28.43
N ALA C 178 9.36 -14.06 27.73
CA ALA C 178 10.00 -12.98 27.00
C ALA C 178 10.85 -12.12 27.91
N GLN C 179 10.44 -11.99 29.18
CA GLN C 179 11.20 -11.16 30.11
C GLN C 179 12.48 -11.85 30.59
N LEU C 180 12.48 -13.18 30.68
CA LEU C 180 13.69 -13.86 31.11
C LEU C 180 14.78 -13.81 30.04
N VAL C 181 14.38 -13.71 28.77
CA VAL C 181 15.32 -13.65 27.67
C VAL C 181 16.22 -12.41 27.77
N ASN C 182 17.45 -12.55 27.29
CA ASN C 182 18.39 -11.45 27.16
C ASN C 182 18.56 -11.09 25.69
N ASP C 183 18.98 -9.86 25.44
CA ASP C 183 19.19 -9.40 24.07
C ASP C 183 20.33 -10.18 23.43
N GLY C 184 20.16 -10.52 22.14
CA GLY C 184 21.22 -11.17 21.42
C GLY C 184 21.18 -12.69 21.42
N GLU C 185 20.28 -13.28 22.20
CA GLU C 185 20.20 -14.74 22.31
C GLU C 185 19.85 -15.39 20.98
N ARG C 186 20.30 -16.62 20.83
CA ARG C 186 19.80 -17.52 19.80
C ARG C 186 18.87 -18.50 20.48
N ILE C 187 17.62 -18.58 20.01
CA ILE C 187 16.55 -19.28 20.70
C ILE C 187 15.93 -20.31 19.76
N LEU C 188 15.64 -21.49 20.31
CA LEU C 188 14.93 -22.53 19.58
C LEU C 188 13.58 -22.75 20.24
N VAL C 189 12.52 -22.72 19.43
CA VAL C 189 11.18 -23.00 19.93
C VAL C 189 10.61 -24.16 19.11
N PRO C 190 10.77 -25.40 19.57
CA PRO C 190 10.05 -26.51 18.95
C PRO C 190 8.57 -26.42 19.28
N PHE C 191 7.77 -27.06 18.43
CA PHE C 191 6.32 -27.09 18.61
C PHE C 191 5.76 -25.66 18.65
N ALA C 192 6.19 -24.86 17.67
CA ALA C 192 6.01 -23.41 17.74
C ALA C 192 4.63 -22.95 17.25
N GLY C 193 3.86 -23.82 16.60
CA GLY C 193 2.53 -23.46 16.17
C GLY C 193 2.58 -22.34 15.14
N VAL C 194 1.75 -21.32 15.37
CA VAL C 194 1.76 -20.11 14.54
C VAL C 194 2.75 -19.12 15.13
N ILE C 195 3.81 -19.66 15.78
CA ILE C 195 4.90 -18.81 16.24
C ILE C 195 4.50 -17.63 17.13
N PRO C 196 3.59 -17.83 18.12
CA PRO C 196 3.34 -16.74 19.09
C PRO C 196 4.51 -16.51 20.04
N TYR C 197 5.11 -17.60 20.55
CA TYR C 197 6.28 -17.44 21.42
C TYR C 197 7.42 -16.72 20.67
N PRO C 198 7.83 -17.17 19.47
CA PRO C 198 8.74 -16.30 18.67
C PRO C 198 8.29 -14.84 18.55
N LEU C 199 7.06 -14.50 18.11
CA LEU C 199 6.74 -13.08 17.89
C LEU C 199 6.81 -12.26 19.16
N VAL C 200 6.36 -12.82 20.28
CA VAL C 200 6.41 -12.02 21.50
C VAL C 200 7.86 -11.84 21.95
N ILE C 201 8.64 -12.93 21.92
CA ILE C 201 10.04 -12.84 22.33
C ILE C 201 10.79 -11.83 21.46
N ALA C 202 10.70 -11.98 20.14
CA ALA C 202 11.38 -11.07 19.22
C ALA C 202 10.74 -9.70 19.22
N ARG C 203 9.49 -9.61 19.65
CA ARG C 203 8.79 -8.33 19.76
C ARG C 203 9.37 -7.48 20.88
N PHE C 204 9.76 -8.11 21.99
CA PHE C 204 10.32 -7.35 23.11
C PHE C 204 11.84 -7.42 23.21
N LYS C 205 12.50 -8.27 22.42
CA LYS C 205 13.94 -8.40 22.53
C LYS C 205 14.56 -8.57 21.15
N ASN C 206 15.80 -8.11 21.04
CA ASN C 206 16.58 -8.25 19.80
C ASN C 206 17.27 -9.61 19.92
N VAL C 207 16.66 -10.63 19.31
CA VAL C 207 17.15 -12.00 19.36
C VAL C 207 16.91 -12.63 17.99
N GLU C 208 17.53 -13.78 17.76
CA GLU C 208 17.13 -14.62 16.64
C GLU C 208 16.49 -15.88 17.20
N VAL C 209 15.33 -16.20 16.65
CA VAL C 209 14.46 -17.30 17.07
C VAL C 209 14.24 -18.29 15.94
N TYR C 210 14.50 -19.57 16.25
CA TYR C 210 14.25 -20.67 15.33
C TYR C 210 12.98 -21.37 15.76
N ALA C 211 12.07 -21.58 14.82
CA ALA C 211 10.78 -22.20 15.12
C ALA C 211 10.62 -23.45 14.26
N VAL C 212 10.32 -24.58 14.90
CA VAL C 212 10.11 -25.85 14.22
C VAL C 212 8.67 -26.28 14.46
N GLU C 213 7.94 -26.55 13.37
CA GLU C 213 6.54 -26.94 13.48
C GLU C 213 6.17 -27.81 12.29
N ILE C 214 5.27 -28.78 12.53
CA ILE C 214 4.98 -29.81 11.54
C ILE C 214 3.70 -29.53 10.77
N ASN C 215 2.79 -28.76 11.34
CA ASN C 215 1.50 -28.50 10.72
C ASN C 215 1.67 -27.48 9.60
N GLU C 216 1.34 -27.90 8.37
CA GLU C 216 1.54 -27.03 7.21
C GLU C 216 0.69 -25.78 7.30
N PHE C 217 -0.48 -25.87 7.92
CA PHE C 217 -1.30 -24.67 8.07
C PHE C 217 -0.78 -23.76 9.18
N ALA C 218 -0.22 -24.34 10.24
CA ALA C 218 0.41 -23.55 11.29
C ALA C 218 1.63 -22.81 10.75
N VAL C 219 2.42 -23.47 9.89
CA VAL C 219 3.56 -22.80 9.29
C VAL C 219 3.10 -21.75 8.29
N LYS C 220 2.01 -22.03 7.55
CA LYS C 220 1.43 -21.06 6.63
C LYS C 220 1.11 -19.73 7.31
N LEU C 221 0.37 -19.80 8.42
CA LEU C 221 0.05 -18.54 9.10
C LEU C 221 1.17 -18.06 10.02
N ALA C 222 2.21 -18.85 10.23
CA ALA C 222 3.43 -18.29 10.80
C ALA C 222 4.14 -17.40 9.79
N GLU C 223 4.23 -17.86 8.54
CA GLU C 223 4.66 -16.99 7.44
C GLU C 223 3.86 -15.69 7.44
N GLU C 224 2.54 -15.80 7.29
CA GLU C 224 1.70 -14.62 7.21
C GLU C 224 1.84 -13.74 8.45
N ASN C 225 2.02 -14.35 9.62
CA ASN C 225 2.22 -13.58 10.84
C ASN C 225 3.53 -12.81 10.81
N LEU C 226 4.59 -13.42 10.29
CA LEU C 226 5.87 -12.72 10.23
C LEU C 226 5.78 -11.55 9.26
N GLU C 227 5.14 -11.75 8.11
CA GLU C 227 4.85 -10.64 7.20
C GLU C 227 4.04 -9.55 7.89
N LEU C 228 2.98 -9.94 8.61
CA LEU C 228 2.11 -8.95 9.26
C LEU C 228 2.84 -8.13 10.31
N ASN C 229 3.88 -8.68 10.92
CA ASN C 229 4.59 -8.00 11.99
C ASN C 229 5.98 -7.53 11.59
N ARG C 230 6.32 -7.60 10.30
CA ARG C 230 7.70 -7.34 9.87
C ARG C 230 8.20 -5.98 10.34
N ASP C 231 7.35 -4.95 10.29
CA ASP C 231 7.78 -3.65 10.80
C ASP C 231 7.76 -3.60 12.32
N ARG C 232 7.17 -4.62 12.97
CA ARG C 232 6.84 -4.57 14.39
C ARG C 232 7.94 -5.18 15.23
N LEU C 233 8.67 -6.14 14.66
CA LEU C 233 9.57 -7.00 15.43
C LEU C 233 10.91 -6.34 15.70
N LYS C 234 11.40 -6.52 16.94
CA LYS C 234 12.75 -6.13 17.31
C LYS C 234 13.77 -7.23 17.01
N GLY C 235 13.34 -8.50 17.00
CA GLY C 235 14.19 -9.61 16.73
C GLY C 235 13.96 -10.20 15.34
N LYS C 236 14.62 -11.31 15.08
CA LYS C 236 14.54 -12.03 13.82
C LYS C 236 14.05 -13.44 14.07
N ILE C 237 13.24 -13.96 13.13
CA ILE C 237 12.61 -15.26 13.26
C ILE C 237 12.90 -16.08 12.01
N LYS C 238 13.22 -17.36 12.21
CA LYS C 238 13.46 -18.30 11.11
C LYS C 238 12.56 -19.49 11.34
N ILE C 239 11.79 -19.85 10.31
CA ILE C 239 10.71 -20.81 10.42
C ILE C 239 11.10 -22.08 9.65
N ILE C 240 10.98 -23.22 10.32
CA ILE C 240 11.37 -24.52 9.77
C ILE C 240 10.14 -25.41 9.71
N HIS C 241 9.78 -25.86 8.52
CA HIS C 241 8.76 -26.88 8.38
C HIS C 241 9.42 -28.25 8.57
N GLY C 242 9.02 -28.96 9.63
CA GLY C 242 9.60 -30.26 9.87
C GLY C 242 9.08 -30.85 11.16
N ASP C 243 9.53 -32.07 11.42
CA ASP C 243 9.22 -32.78 12.65
C ASP C 243 10.36 -32.51 13.63
N VAL C 244 10.00 -32.04 14.83
CA VAL C 244 10.99 -31.63 15.83
C VAL C 244 12.01 -32.72 16.08
N PHE C 245 11.56 -33.97 16.17
CA PHE C 245 12.48 -35.06 16.51
C PHE C 245 13.47 -35.33 15.37
N GLU C 246 13.10 -35.03 14.13
CA GLU C 246 14.04 -35.13 13.03
C GLU C 246 14.84 -33.84 12.84
N VAL C 247 14.18 -32.69 12.97
CA VAL C 247 14.82 -31.41 12.66
C VAL C 247 15.88 -31.06 13.69
N LEU C 248 15.54 -31.20 14.98
CA LEU C 248 16.43 -30.70 16.03
C LEU C 248 17.83 -31.33 16.04
N PRO C 249 18.02 -32.63 15.84
CA PRO C 249 19.39 -33.17 15.90
C PRO C 249 20.33 -32.58 14.87
N ASN C 250 19.82 -31.96 13.80
CA ASN C 250 20.65 -31.39 12.75
C ASN C 250 20.87 -29.90 12.91
N LEU C 251 20.35 -29.29 13.97
CA LEU C 251 20.49 -27.88 14.24
C LEU C 251 21.69 -27.63 15.15
N PRO C 252 22.21 -26.40 15.17
CA PRO C 252 23.20 -26.04 16.18
C PRO C 252 22.56 -25.91 17.55
N ASN C 253 23.34 -25.56 18.56
CA ASN C 253 22.78 -25.36 19.89
C ASN C 253 22.34 -23.91 20.07
N PHE C 254 21.57 -23.68 21.14
CA PHE C 254 20.93 -22.40 21.37
C PHE C 254 21.15 -21.96 22.80
N ASP C 255 21.13 -20.64 23.01
CA ASP C 255 21.25 -20.10 24.37
C ASP C 255 20.10 -20.60 25.24
N ARG C 256 18.88 -20.48 24.72
CA ARG C 256 17.68 -20.82 25.47
C ARG C 256 16.78 -21.62 24.54
N VAL C 257 16.19 -22.68 25.05
CA VAL C 257 15.21 -23.46 24.31
C VAL C 257 13.89 -23.42 25.07
N VAL C 258 12.80 -23.18 24.35
CA VAL C 258 11.47 -23.08 24.92
C VAL C 258 10.62 -24.14 24.25
N SER C 259 10.24 -25.18 25.01
CA SER C 259 9.53 -26.33 24.47
C SER C 259 8.15 -26.40 25.11
N PRO C 260 7.18 -25.81 24.50
CA PRO C 260 5.78 -26.04 24.92
C PRO C 260 5.34 -27.41 24.42
N THR C 261 5.83 -28.43 25.12
CA THR C 261 5.69 -29.81 24.69
C THR C 261 4.22 -30.20 24.52
N PRO C 262 3.86 -30.85 23.41
CA PRO C 262 2.49 -31.34 23.27
C PRO C 262 2.17 -32.42 24.30
N LYS C 263 0.89 -32.47 24.68
CA LYS C 263 0.43 -33.45 25.66
C LYS C 263 0.81 -34.86 25.27
N GLY C 264 1.46 -35.58 26.18
CA GLY C 264 1.86 -36.94 25.96
C GLY C 264 3.27 -37.12 25.43
N VAL C 265 3.86 -36.08 24.86
CA VAL C 265 5.17 -36.18 24.25
C VAL C 265 6.25 -36.08 25.32
N ASP C 266 7.32 -36.84 25.14
CA ASP C 266 8.53 -36.72 25.96
C ASP C 266 9.61 -36.18 25.03
N ALA C 267 9.92 -34.89 25.16
CA ALA C 267 10.99 -34.25 24.41
C ALA C 267 12.08 -33.72 25.34
N LEU C 268 12.11 -34.20 26.58
CA LEU C 268 13.00 -33.63 27.59
C LEU C 268 14.46 -33.81 27.18
N SER C 269 14.85 -35.03 26.82
CA SER C 269 16.25 -35.32 26.50
C SER C 269 16.73 -34.50 25.31
N LEU C 270 15.94 -34.45 24.24
CA LEU C 270 16.36 -33.75 23.02
C LEU C 270 16.46 -32.24 23.26
N THR C 271 15.39 -31.64 23.80
CA THR C 271 15.39 -30.20 24.02
C THR C 271 16.47 -29.80 25.01
N LEU C 272 16.68 -30.59 26.07
CA LEU C 272 17.77 -30.30 26.98
C LEU C 272 19.12 -30.43 26.28
N SER C 273 19.24 -31.38 25.36
CA SER C 273 20.49 -31.54 24.62
C SER C 273 20.78 -30.33 23.75
N LYS C 274 19.74 -29.66 23.27
CA LYS C 274 19.93 -28.50 22.39
C LYS C 274 20.06 -27.19 23.14
N ALA C 275 20.07 -27.21 24.47
CA ALA C 275 20.14 -25.99 25.27
C ALA C 275 21.57 -25.76 25.75
N GLU C 276 22.01 -24.51 25.66
CA GLU C 276 23.33 -24.12 26.15
C GLU C 276 23.31 -23.31 27.43
N LYS C 277 22.24 -22.56 27.70
CA LYS C 277 22.14 -21.78 28.92
C LYS C 277 20.87 -22.09 29.70
N PHE C 278 19.72 -22.13 29.02
CA PHE C 278 18.44 -22.30 29.68
C PHE C 278 17.55 -23.25 28.91
N LEU C 279 16.83 -24.09 29.64
CA LEU C 279 15.73 -24.85 29.09
C LEU C 279 14.47 -24.54 29.88
N HIS C 280 13.37 -24.25 29.18
CA HIS C 280 12.07 -24.08 29.80
C HIS C 280 11.20 -25.21 29.25
N TYR C 281 10.98 -26.25 30.05
CA TYR C 281 10.32 -27.45 29.57
C TYR C 281 8.91 -27.54 30.16
N TYR C 282 7.91 -27.43 29.30
CA TYR C 282 6.52 -27.52 29.72
C TYR C 282 6.07 -28.97 29.70
N ASP C 283 5.25 -29.33 30.68
CA ASP C 283 4.75 -30.70 30.79
C ASP C 283 3.42 -30.68 31.52
N PHE C 284 2.76 -31.83 31.57
CA PHE C 284 1.49 -31.98 32.27
C PHE C 284 1.69 -33.00 33.39
N VAL C 285 1.59 -32.54 34.63
CA VAL C 285 1.98 -33.34 35.79
C VAL C 285 0.91 -33.24 36.86
N HIS C 286 0.63 -34.36 37.51
CA HIS C 286 -0.20 -34.35 38.70
C HIS C 286 0.49 -33.57 39.82
N GLU C 287 -0.32 -33.04 40.72
CA GLU C 287 0.21 -32.22 41.82
C GLU C 287 1.20 -33.01 42.66
N SER C 288 0.77 -34.17 43.16
CA SER C 288 1.59 -34.99 44.03
C SER C 288 2.85 -35.53 43.34
N GLU C 289 2.93 -35.43 42.02
CA GLU C 289 4.08 -35.91 41.27
C GLU C 289 5.06 -34.79 40.93
N ILE C 290 4.73 -33.55 41.29
CA ILE C 290 5.53 -32.40 40.84
C ILE C 290 6.99 -32.58 41.24
N GLU C 291 7.25 -32.89 42.51
CA GLU C 291 8.63 -33.06 42.96
C GLU C 291 9.25 -34.28 42.31
N ARG C 292 8.44 -35.33 42.12
CA ARG C 292 8.89 -36.47 41.34
C ARG C 292 9.23 -36.05 39.92
N PHE C 293 8.39 -35.21 39.31
CA PHE C 293 8.68 -34.70 37.97
C PHE C 293 10.07 -34.05 37.92
N ARG C 294 10.38 -33.27 38.97
CA ARG C 294 11.62 -32.55 39.00
C ARG C 294 12.85 -33.47 39.16
N GLU C 295 12.69 -34.55 39.98
CA GLU C 295 13.85 -35.42 40.02
C GLU C 295 14.10 -36.01 38.64
N ARG C 296 13.02 -36.28 37.94
CA ARG C 296 13.17 -36.76 36.57
C ARG C 296 13.97 -35.76 35.78
N VAL C 297 13.61 -34.48 35.89
CA VAL C 297 14.32 -33.47 35.13
C VAL C 297 15.77 -33.48 35.51
N LEU C 298 16.05 -33.48 36.82
CA LEU C 298 17.44 -33.43 37.23
C LEU C 298 18.17 -34.69 36.81
N GLU C 299 17.48 -35.83 36.83
CA GLU C 299 18.11 -37.05 36.36
C GLU C 299 18.61 -36.86 34.95
N GLU C 300 17.78 -36.31 34.07
CA GLU C 300 18.20 -36.15 32.69
C GLU C 300 19.38 -35.17 32.62
N CYS C 301 19.32 -34.11 33.43
CA CYS C 301 20.42 -33.16 33.47
C CYS C 301 21.73 -33.86 33.80
N ARG C 302 21.69 -34.80 34.74
CA ARG C 302 22.93 -35.44 35.16
C ARG C 302 23.35 -36.51 34.17
N ARG C 303 22.38 -37.09 33.44
CA ARG C 303 22.77 -38.09 32.45
C ARG C 303 23.46 -37.45 31.25
N GLN C 304 23.15 -36.18 30.98
CA GLN C 304 23.81 -35.43 29.93
C GLN C 304 25.04 -34.69 30.44
N GLY C 305 25.41 -34.87 31.70
CA GLY C 305 26.60 -34.25 32.25
C GLY C 305 26.52 -32.76 32.48
N LYS C 306 25.32 -32.24 32.71
CA LYS C 306 25.13 -30.82 33.00
C LYS C 306 24.88 -30.62 34.50
N GLU C 307 25.41 -29.52 35.02
CA GLU C 307 25.17 -29.10 36.40
C GLU C 307 24.11 -28.02 36.36
N CYS C 308 22.96 -28.28 36.98
CA CYS C 308 21.80 -27.41 36.81
C CYS C 308 21.11 -27.13 38.13
N ARG C 309 20.52 -25.93 38.21
CA ARG C 309 19.45 -25.63 39.15
C ARG C 309 18.14 -25.67 38.38
N VAL C 310 17.18 -26.45 38.86
CA VAL C 310 15.88 -26.55 38.20
C VAL C 310 14.79 -26.29 39.22
N SER C 311 13.89 -25.37 38.90
CA SER C 311 12.73 -25.05 39.69
C SER C 311 11.52 -25.25 38.79
N VAL C 312 10.50 -25.92 39.30
CA VAL C 312 9.29 -26.17 38.53
C VAL C 312 8.16 -25.38 39.15
N ARG C 313 7.36 -24.75 38.31
CA ARG C 313 6.24 -23.93 38.72
C ARG C 313 5.01 -24.33 37.93
N LYS C 314 3.86 -24.15 38.57
CA LYS C 314 2.59 -24.46 37.95
C LYS C 314 2.22 -23.32 37.00
N VAL C 315 1.90 -23.68 35.76
CA VAL C 315 1.60 -22.69 34.73
C VAL C 315 0.10 -22.51 34.55
N SER C 316 -0.65 -23.60 34.54
CA SER C 316 -2.10 -23.50 34.38
C SER C 316 -2.73 -24.82 34.81
N ASP C 317 -4.03 -24.76 35.10
CA ASP C 317 -4.78 -25.97 35.44
C ASP C 317 -5.19 -26.70 34.17
N TYR C 318 -4.75 -27.95 34.04
CA TYR C 318 -5.09 -28.75 32.86
C TYR C 318 -6.37 -29.56 33.09
N LYS C 319 -6.45 -30.28 34.21
CA LYS C 319 -7.65 -30.97 34.64
C LYS C 319 -7.54 -31.18 36.15
N PRO C 320 -8.57 -31.74 36.84
CA PRO C 320 -8.48 -31.85 38.30
C PRO C 320 -7.20 -32.48 38.81
N HIS C 321 -6.50 -31.75 39.67
CA HIS C 321 -5.24 -32.12 40.31
C HIS C 321 -4.08 -32.23 39.33
N VAL C 322 -4.27 -31.84 38.08
CA VAL C 322 -3.21 -31.91 37.06
C VAL C 322 -2.93 -30.49 36.58
N TYR C 323 -1.66 -30.13 36.58
CA TYR C 323 -1.24 -28.81 36.11
C TYR C 323 -0.32 -28.94 34.91
N LYS C 324 -0.51 -28.03 33.96
CA LYS C 324 0.55 -27.72 33.01
C LYS C 324 1.60 -26.91 33.75
N VAL C 325 2.82 -27.45 33.80
CA VAL C 325 3.93 -26.92 34.58
C VAL C 325 5.08 -26.61 33.65
N CYS C 326 6.03 -25.83 34.17
CA CYS C 326 7.26 -25.52 33.47
C CYS C 326 8.44 -25.77 34.39
N ALA C 327 9.40 -26.58 33.93
CA ALA C 327 10.68 -26.73 34.59
C ALA C 327 11.62 -25.68 34.01
N ASP C 328 12.02 -24.73 34.86
CA ASP C 328 13.04 -23.75 34.53
C ASP C 328 14.40 -24.36 34.89
N VAL C 329 15.17 -24.71 33.88
CA VAL C 329 16.48 -25.33 34.05
C VAL C 329 17.52 -24.30 33.64
N GLU C 330 18.34 -23.85 34.59
CA GLU C 330 19.43 -22.95 34.24
C GLU C 330 20.69 -23.79 34.39
N ILE C 331 21.46 -23.93 33.32
CA ILE C 331 22.64 -24.77 33.36
C ILE C 331 23.81 -23.93 33.89
N LEU C 332 24.68 -24.55 34.68
CA LEU C 332 25.68 -23.80 35.46
C LEU C 332 27.11 -23.86 34.91
#